data_2JYE
#
_entry.id   2JYE
#
_entity_poly.entity_id   1
_entity_poly.type   'polypeptide(L)'
_entity_poly.pdbx_seq_one_letter_code
;AMDVKCDMEVSCPDGYTCCRLQSGAWGCCPFTQAVCCEDHIHCCPAGFTCDTQKGTCEQKLAAALEHHHHHH
;
_entity_poly.pdbx_strand_id   A
#
# COMPACT_ATOMS: atom_id res chain seq x y z
N ALA A 1 4.86 -7.73 -18.36
CA ALA A 1 4.84 -8.16 -16.94
C ALA A 1 6.09 -7.68 -16.19
N MET A 2 7.06 -7.18 -16.95
CA MET A 2 8.30 -6.69 -16.36
C MET A 2 8.50 -5.21 -16.66
N ASP A 3 7.40 -4.50 -16.88
CA ASP A 3 7.43 -3.07 -17.17
C ASP A 3 7.86 -2.28 -15.95
N VAL A 4 7.32 -2.65 -14.80
CA VAL A 4 7.63 -1.97 -13.55
C VAL A 4 8.12 -2.94 -12.49
N LYS A 5 9.09 -2.52 -11.69
CA LYS A 5 9.65 -3.36 -10.62
C LYS A 5 10.06 -2.52 -9.43
N CYS A 6 9.84 -3.05 -8.23
CA CYS A 6 10.20 -2.36 -7.00
C CYS A 6 11.57 -2.80 -6.49
N ASP A 7 11.92 -4.04 -6.80
CA ASP A 7 13.20 -4.60 -6.38
C ASP A 7 13.59 -5.79 -7.26
N MET A 8 14.65 -6.48 -6.88
CA MET A 8 15.12 -7.64 -7.63
C MET A 8 14.51 -8.93 -7.10
N GLU A 9 13.20 -8.91 -6.86
CA GLU A 9 12.51 -10.09 -6.35
C GLU A 9 10.99 -9.95 -6.51
N VAL A 10 10.56 -8.81 -7.04
CA VAL A 10 9.14 -8.56 -7.25
C VAL A 10 8.84 -8.24 -8.72
N SER A 11 7.56 -8.27 -9.08
CA SER A 11 7.15 -7.98 -10.46
C SER A 11 5.75 -7.39 -10.50
N CYS A 12 5.66 -6.07 -10.40
CA CYS A 12 4.37 -5.38 -10.44
C CYS A 12 4.36 -4.36 -11.58
N PRO A 13 3.88 -4.76 -12.77
CA PRO A 13 3.83 -3.90 -13.95
C PRO A 13 2.71 -2.86 -13.89
N ASP A 14 2.30 -2.39 -15.07
CA ASP A 14 1.24 -1.38 -15.17
C ASP A 14 0.00 -1.82 -14.41
N GLY A 15 -0.65 -0.88 -13.73
CA GLY A 15 -1.83 -1.20 -12.96
C GLY A 15 -1.48 -1.66 -11.56
N TYR A 16 -0.20 -1.93 -11.35
CA TYR A 16 0.27 -2.38 -10.05
C TYR A 16 1.01 -1.26 -9.31
N THR A 17 1.03 -1.36 -7.99
CA THR A 17 1.70 -0.37 -7.15
C THR A 17 2.76 -1.05 -6.28
N CYS A 18 3.83 -0.33 -5.97
CA CYS A 18 4.90 -0.87 -5.14
C CYS A 18 4.82 -0.32 -3.72
N CYS A 19 4.44 -1.18 -2.78
CA CYS A 19 4.33 -0.77 -1.39
C CYS A 19 5.16 -1.69 -0.50
N ARG A 20 5.97 -1.09 0.37
CA ARG A 20 6.82 -1.85 1.28
C ARG A 20 6.00 -2.45 2.42
N LEU A 21 6.41 -3.63 2.87
CA LEU A 21 5.73 -4.31 3.97
C LEU A 21 6.74 -4.89 4.95
N GLN A 22 6.26 -5.50 6.02
CA GLN A 22 7.15 -6.09 7.03
C GLN A 22 7.56 -7.49 6.62
N SER A 23 7.00 -7.99 5.54
CA SER A 23 7.33 -9.33 5.05
C SER A 23 8.73 -9.33 4.43
N GLY A 24 9.57 -8.40 4.87
CA GLY A 24 10.92 -8.31 4.35
C GLY A 24 10.96 -8.25 2.83
N ALA A 25 9.93 -7.64 2.23
CA ALA A 25 9.85 -7.53 0.78
C ALA A 25 8.87 -6.44 0.36
N TRP A 26 8.61 -6.36 -0.94
CA TRP A 26 7.69 -5.35 -1.47
C TRP A 26 6.33 -5.98 -1.78
N GLY A 27 5.35 -5.11 -2.10
CA GLY A 27 4.02 -5.59 -2.41
C GLY A 27 3.48 -4.99 -3.69
N CYS A 28 2.78 -5.80 -4.48
CA CYS A 28 2.20 -5.34 -5.74
C CYS A 28 0.69 -5.14 -5.61
N CYS A 29 0.25 -3.90 -5.77
CA CYS A 29 -1.16 -3.57 -5.67
C CYS A 29 -1.76 -3.30 -7.05
N PRO A 30 -2.57 -4.24 -7.58
CA PRO A 30 -3.18 -4.11 -8.91
C PRO A 30 -4.39 -3.19 -8.91
N PHE A 31 -4.17 -1.92 -8.64
CA PHE A 31 -5.26 -0.93 -8.61
C PHE A 31 -4.72 0.48 -8.87
N THR A 32 -5.64 1.44 -9.00
CA THR A 32 -5.27 2.83 -9.25
C THR A 32 -6.03 3.77 -8.33
N GLN A 33 -5.44 4.09 -7.19
CA GLN A 33 -6.05 4.99 -6.21
C GLN A 33 -5.12 5.20 -5.02
N ALA A 34 -5.69 5.60 -3.88
CA ALA A 34 -4.91 5.83 -2.67
C ALA A 34 -4.15 4.57 -2.28
N VAL A 35 -2.89 4.49 -2.71
CA VAL A 35 -2.05 3.33 -2.42
C VAL A 35 -1.72 3.23 -0.94
N CYS A 36 -1.86 2.02 -0.38
CA CYS A 36 -1.58 1.78 1.02
C CYS A 36 -2.22 2.83 1.92
N CYS A 37 -3.48 3.16 1.63
CA CYS A 37 -4.20 4.16 2.41
C CYS A 37 -5.70 4.05 2.18
N GLU A 38 -6.47 4.67 3.06
CA GLU A 38 -7.93 4.66 2.96
C GLU A 38 -8.47 3.23 2.94
N ASP A 39 -9.74 3.09 2.60
CA ASP A 39 -10.39 1.79 2.54
C ASP A 39 -10.31 1.20 1.14
N HIS A 40 -11.39 0.55 0.69
CA HIS A 40 -11.43 -0.05 -0.63
C HIS A 40 -10.38 -1.16 -0.77
N ILE A 41 -9.22 -0.82 -1.32
CA ILE A 41 -8.14 -1.78 -1.49
C ILE A 41 -6.81 -1.20 -1.06
N HIS A 42 -6.32 -1.64 0.10
CA HIS A 42 -5.06 -1.15 0.63
C HIS A 42 -3.97 -2.22 0.47
N CYS A 43 -2.78 -1.78 0.05
CA CYS A 43 -1.66 -2.70 -0.13
C CYS A 43 -1.13 -3.19 1.22
N CYS A 44 -1.74 -2.69 2.29
CA CYS A 44 -1.34 -3.07 3.64
C CYS A 44 -2.26 -4.17 4.18
N PRO A 45 -1.72 -5.08 5.02
CA PRO A 45 -2.49 -6.19 5.59
C PRO A 45 -3.52 -5.70 6.63
N ALA A 46 -4.10 -4.53 6.38
CA ALA A 46 -5.11 -3.95 7.27
C ALA A 46 -4.52 -3.57 8.63
N GLY A 47 -5.24 -2.72 9.35
CA GLY A 47 -4.79 -2.28 10.66
C GLY A 47 -3.69 -1.22 10.57
N PHE A 48 -3.35 -0.83 9.35
CA PHE A 48 -2.31 0.17 9.13
C PHE A 48 -2.85 1.34 8.31
N THR A 49 -2.41 2.55 8.66
CA THR A 49 -2.83 3.75 7.96
C THR A 49 -1.64 4.35 7.19
N CYS A 50 -1.93 5.19 6.21
CA CYS A 50 -0.87 5.81 5.42
C CYS A 50 -0.30 7.04 6.11
N ASP A 51 1.02 7.07 6.22
CA ASP A 51 1.73 8.17 6.87
C ASP A 51 2.73 8.80 5.91
N THR A 52 3.43 9.83 6.41
CA THR A 52 4.42 10.54 5.61
C THR A 52 3.78 11.22 4.40
N GLN A 53 2.45 11.27 4.39
CA GLN A 53 1.72 11.90 3.29
C GLN A 53 2.08 11.26 1.96
N LYS A 54 2.73 10.10 2.03
CA LYS A 54 3.13 9.38 0.82
C LYS A 54 2.32 8.11 0.65
N GLY A 55 2.03 7.45 1.77
CA GLY A 55 1.25 6.23 1.72
C GLY A 55 1.92 5.08 2.45
N THR A 56 2.51 5.37 3.61
CA THR A 56 3.18 4.34 4.40
C THR A 56 2.24 3.77 5.45
N CYS A 57 1.88 2.49 5.28
CA CYS A 57 0.97 1.83 6.21
C CYS A 57 1.72 1.29 7.43
N GLU A 58 1.41 1.84 8.59
CA GLU A 58 2.05 1.42 9.84
C GLU A 58 1.17 1.73 11.04
N GLN A 59 0.20 0.84 11.30
CA GLN A 59 -0.72 1.00 12.43
C GLN A 59 -1.57 2.24 12.28
N LYS A 60 -2.65 2.31 13.07
CA LYS A 60 -3.57 3.44 13.03
C LYS A 60 -2.84 4.73 13.41
N LEU A 61 -3.11 5.80 12.65
CA LEU A 61 -2.49 7.09 12.91
C LEU A 61 -3.47 8.23 12.66
N ALA A 62 -3.62 8.62 11.40
CA ALA A 62 -4.53 9.70 11.03
C ALA A 62 -4.77 9.74 9.52
N ALA A 63 -3.97 8.97 8.78
CA ALA A 63 -4.09 8.93 7.32
C ALA A 63 -3.76 10.28 6.70
N ALA A 64 -2.61 10.35 6.03
CA ALA A 64 -2.17 11.58 5.38
C ALA A 64 -2.11 12.73 6.38
N LEU A 65 -1.11 12.68 7.26
CA LEU A 65 -0.94 13.72 8.27
C LEU A 65 -0.33 14.98 7.67
N GLU A 66 -1.05 16.09 7.79
CA GLU A 66 -0.59 17.37 7.26
C GLU A 66 -0.44 18.39 8.38
N HIS A 67 -0.99 18.07 9.55
CA HIS A 67 -0.92 18.96 10.70
C HIS A 67 0.16 18.52 11.67
N HIS A 68 0.30 19.24 12.78
CA HIS A 68 1.30 18.92 13.79
C HIS A 68 0.63 18.60 15.12
N HIS A 69 -0.10 19.57 15.67
CA HIS A 69 -0.79 19.39 16.93
C HIS A 69 -2.18 18.80 16.72
N HIS A 70 -2.56 17.88 17.61
CA HIS A 70 -3.87 17.23 17.52
C HIS A 70 -4.26 16.59 18.85
N HIS A 71 -5.55 16.56 19.13
CA HIS A 71 -6.06 15.97 20.36
C HIS A 71 -7.20 15.00 20.07
N HIS A 72 -6.94 13.71 20.28
CA HIS A 72 -7.94 12.68 20.05
C HIS A 72 -8.13 11.82 21.30
N ALA A 1 6.63 -5.16 -21.47
CA ALA A 1 7.88 -5.28 -20.67
C ALA A 1 8.04 -4.09 -19.73
N MET A 2 6.91 -3.58 -19.24
CA MET A 2 6.92 -2.44 -18.33
C MET A 2 6.71 -2.88 -16.89
N ASP A 3 7.34 -3.99 -16.52
CA ASP A 3 7.23 -4.52 -15.17
C ASP A 3 8.01 -3.65 -14.18
N VAL A 4 7.36 -3.29 -13.08
CA VAL A 4 7.99 -2.45 -12.07
C VAL A 4 8.60 -3.30 -10.96
N LYS A 5 9.93 -3.31 -10.90
CA LYS A 5 10.64 -4.07 -9.88
C LYS A 5 11.10 -3.15 -8.75
N CYS A 6 10.84 -3.57 -7.52
CA CYS A 6 11.21 -2.77 -6.35
C CYS A 6 12.12 -3.56 -5.41
N ASP A 7 12.71 -4.64 -5.92
CA ASP A 7 13.61 -5.48 -5.11
C ASP A 7 14.27 -6.56 -5.97
N MET A 8 14.18 -6.40 -7.28
CA MET A 8 14.77 -7.37 -8.21
C MET A 8 14.27 -8.78 -7.91
N GLU A 9 13.02 -8.85 -7.47
CA GLU A 9 12.39 -10.13 -7.15
C GLU A 9 10.90 -10.09 -7.44
N VAL A 10 10.27 -8.96 -7.09
CA VAL A 10 8.84 -8.77 -7.32
C VAL A 10 8.59 -8.27 -8.74
N SER A 11 7.32 -8.17 -9.11
CA SER A 11 6.95 -7.71 -10.44
C SER A 11 5.55 -7.11 -10.46
N CYS A 12 5.49 -5.77 -10.42
CA CYS A 12 4.22 -5.06 -10.46
C CYS A 12 4.11 -4.28 -11.76
N PRO A 13 3.63 -4.93 -12.83
CA PRO A 13 3.50 -4.30 -14.15
C PRO A 13 2.39 -3.25 -14.20
N ASP A 14 1.97 -2.92 -15.43
CA ASP A 14 0.93 -1.92 -15.64
C ASP A 14 -0.28 -2.17 -14.76
N GLY A 15 -0.78 -1.11 -14.15
CA GLY A 15 -1.93 -1.22 -13.28
C GLY A 15 -1.56 -1.64 -11.88
N TYR A 16 -0.26 -1.83 -11.63
CA TYR A 16 0.20 -2.25 -10.31
C TYR A 16 1.20 -1.24 -9.73
N THR A 17 1.44 -1.38 -8.43
CA THR A 17 2.38 -0.52 -7.71
C THR A 17 3.13 -1.34 -6.68
N CYS A 18 4.29 -0.86 -6.24
CA CYS A 18 5.08 -1.59 -5.26
C CYS A 18 4.97 -0.96 -3.88
N CYS A 19 4.55 -1.77 -2.90
CA CYS A 19 4.40 -1.32 -1.52
C CYS A 19 5.02 -2.34 -0.57
N ARG A 20 5.94 -1.87 0.27
CA ARG A 20 6.61 -2.74 1.21
C ARG A 20 5.63 -3.46 2.13
N LEU A 21 6.04 -4.62 2.62
CA LEU A 21 5.22 -5.42 3.51
C LEU A 21 6.05 -6.00 4.65
N GLN A 22 5.93 -5.41 5.83
CA GLN A 22 6.68 -5.87 7.00
C GLN A 22 8.18 -5.77 6.76
N SER A 23 8.58 -5.00 5.75
CA SER A 23 9.99 -4.81 5.42
C SER A 23 10.64 -6.12 4.97
N GLY A 24 9.84 -7.19 4.88
CA GLY A 24 10.37 -8.48 4.47
C GLY A 24 10.36 -8.64 2.96
N ALA A 25 9.53 -7.84 2.29
CA ALA A 25 9.41 -7.88 0.84
C ALA A 25 8.50 -6.76 0.34
N TRP A 26 8.18 -6.80 -0.95
CA TRP A 26 7.31 -5.79 -1.54
C TRP A 26 6.01 -6.42 -2.02
N GLY A 27 5.03 -5.58 -2.31
CA GLY A 27 3.75 -6.08 -2.78
C GLY A 27 3.23 -5.33 -4.00
N CYS A 28 2.42 -6.01 -4.81
CA CYS A 28 1.87 -5.40 -6.01
C CYS A 28 0.39 -5.06 -5.83
N CYS A 29 0.11 -3.75 -5.76
CA CYS A 29 -1.25 -3.28 -5.60
C CYS A 29 -1.78 -2.75 -6.92
N PRO A 30 -3.05 -3.00 -7.25
CA PRO A 30 -3.64 -2.55 -8.52
C PRO A 30 -3.94 -1.06 -8.54
N PHE A 31 -3.04 -0.28 -7.96
CA PHE A 31 -3.17 1.18 -7.92
C PHE A 31 -4.43 1.64 -7.19
N THR A 32 -4.31 2.78 -6.50
CA THR A 32 -5.42 3.35 -5.76
C THR A 32 -5.03 4.69 -5.16
N GLN A 33 -4.30 5.50 -5.94
CA GLN A 33 -3.87 6.82 -5.50
C GLN A 33 -2.97 6.71 -4.27
N ALA A 34 -2.17 5.66 -4.22
CA ALA A 34 -1.25 5.43 -3.11
C ALA A 34 -1.99 5.33 -1.78
N VAL A 35 -2.34 4.11 -1.39
CA VAL A 35 -3.05 3.87 -0.14
C VAL A 35 -2.20 3.07 0.83
N CYS A 36 -1.96 1.80 0.50
CA CYS A 36 -1.17 0.91 1.33
C CYS A 36 -1.74 0.83 2.74
N CYS A 37 -3.07 0.92 2.83
CA CYS A 37 -3.75 0.87 4.12
C CYS A 37 -5.23 0.53 3.93
N GLU A 38 -6.02 1.54 3.55
CA GLU A 38 -7.44 1.36 3.34
C GLU A 38 -8.05 2.58 2.63
N ASP A 39 -8.99 2.33 1.74
CA ASP A 39 -9.64 3.40 0.99
C ASP A 39 -10.92 2.90 0.31
N HIS A 40 -10.77 1.85 -0.51
CA HIS A 40 -11.91 1.29 -1.23
C HIS A 40 -11.74 -0.22 -1.41
N ILE A 41 -10.57 -0.62 -1.89
CA ILE A 41 -10.27 -2.02 -2.12
C ILE A 41 -9.12 -2.50 -1.24
N HIS A 42 -8.54 -1.58 -0.48
CA HIS A 42 -7.42 -1.89 0.40
C HIS A 42 -6.21 -2.34 -0.40
N CYS A 43 -5.04 -2.36 0.25
CA CYS A 43 -3.81 -2.78 -0.40
C CYS A 43 -3.31 -4.10 0.17
N CYS A 44 -3.87 -4.50 1.31
CA CYS A 44 -3.49 -5.74 1.96
C CYS A 44 -4.18 -6.94 1.31
N PRO A 45 -3.61 -8.15 1.43
CA PRO A 45 -4.18 -9.36 0.85
C PRO A 45 -5.43 -9.85 1.59
N ALA A 46 -6.22 -8.90 2.07
CA ALA A 46 -7.46 -9.21 2.80
C ALA A 46 -7.15 -9.88 4.15
N GLY A 47 -7.72 -9.32 5.21
CA GLY A 47 -7.50 -9.86 6.54
C GLY A 47 -6.65 -8.97 7.41
N PHE A 48 -5.59 -8.42 6.83
CA PHE A 48 -4.67 -7.55 7.55
C PHE A 48 -5.14 -6.09 7.50
N THR A 49 -4.48 -5.25 8.28
CA THR A 49 -4.81 -3.83 8.33
C THR A 49 -3.54 -2.98 8.31
N CYS A 50 -3.70 -1.66 8.31
CA CYS A 50 -2.56 -0.76 8.30
C CYS A 50 -2.05 -0.52 9.71
N ASP A 51 -0.73 -0.62 9.87
CA ASP A 51 -0.11 -0.41 11.18
C ASP A 51 1.13 0.46 11.06
N THR A 52 1.83 0.66 12.18
CA THR A 52 3.03 1.48 12.21
C THR A 52 2.72 2.93 11.81
N GLN A 53 1.44 3.27 11.80
CA GLN A 53 1.01 4.63 11.44
C GLN A 53 1.48 5.01 10.04
N LYS A 54 1.92 4.00 9.29
CA LYS A 54 2.40 4.23 7.92
C LYS A 54 1.54 3.49 6.91
N GLY A 55 1.56 2.16 6.99
CA GLY A 55 0.78 1.36 6.08
C GLY A 55 1.22 -0.09 6.04
N THR A 56 1.60 -0.61 7.21
CA THR A 56 2.04 -2.00 7.30
C THR A 56 0.84 -2.94 7.47
N CYS A 57 0.71 -3.87 6.53
CA CYS A 57 -0.41 -4.83 6.58
C CYS A 57 -0.07 -6.01 7.48
N GLU A 58 -0.77 -6.11 8.60
CA GLU A 58 -0.55 -7.20 9.55
C GLU A 58 -1.87 -7.71 10.12
N GLN A 59 -1.81 -8.88 10.74
CA GLN A 59 -3.00 -9.50 11.34
C GLN A 59 -3.73 -8.53 12.25
N LYS A 60 -4.85 -7.99 11.75
CA LYS A 60 -5.67 -7.05 12.51
C LYS A 60 -4.85 -5.86 13.00
N LEU A 61 -5.52 -4.94 13.70
CA LEU A 61 -4.85 -3.74 14.23
C LEU A 61 -4.17 -4.04 15.56
N ALA A 62 -3.02 -3.40 15.78
CA ALA A 62 -2.26 -3.60 17.01
C ALA A 62 -2.02 -2.28 17.73
N ALA A 63 -1.30 -1.38 17.06
CA ALA A 63 -0.98 -0.07 17.65
C ALA A 63 -1.11 1.04 16.62
N ALA A 64 -0.46 2.17 16.88
CA ALA A 64 -0.49 3.32 15.98
C ALA A 64 -1.92 3.83 15.78
N LEU A 65 -2.56 3.38 14.70
CA LEU A 65 -3.92 3.79 14.38
C LEU A 65 -4.00 5.30 14.13
N GLU A 66 -5.15 5.74 13.65
CA GLU A 66 -5.36 7.16 13.37
C GLU A 66 -5.74 7.92 14.64
N HIS A 67 -5.62 9.25 14.59
CA HIS A 67 -5.95 10.08 15.73
C HIS A 67 -6.11 11.54 15.32
N HIS A 68 -6.60 11.75 14.09
CA HIS A 68 -6.80 13.10 13.57
C HIS A 68 -8.28 13.40 13.41
N HIS A 69 -9.12 12.62 14.07
CA HIS A 69 -10.57 12.81 14.00
C HIS A 69 -11.17 12.89 15.41
N HIS A 70 -12.43 13.34 15.47
CA HIS A 70 -13.12 13.47 16.75
C HIS A 70 -13.62 12.12 17.24
N HIS A 71 -14.06 12.07 18.49
CA HIS A 71 -14.56 10.84 19.08
C HIS A 71 -16.02 11.01 19.54
N HIS A 72 -16.52 12.23 19.42
CA HIS A 72 -17.90 12.53 19.81
C HIS A 72 -18.88 12.02 18.77
N ALA A 1 3.40 -3.70 -20.91
CA ALA A 1 4.44 -2.71 -21.29
C ALA A 1 4.83 -1.83 -20.11
N MET A 2 6.13 -1.60 -19.96
CA MET A 2 6.64 -0.78 -18.86
C MET A 2 6.16 -1.30 -17.51
N ASP A 3 6.90 -2.29 -16.97
CA ASP A 3 6.55 -2.87 -15.69
C ASP A 3 7.37 -2.24 -14.56
N VAL A 4 6.75 -2.09 -13.40
CA VAL A 4 7.41 -1.50 -12.25
C VAL A 4 8.24 -2.54 -11.49
N LYS A 5 9.54 -2.30 -11.41
CA LYS A 5 10.45 -3.21 -10.70
C LYS A 5 10.91 -2.60 -9.38
N CYS A 6 10.80 -3.36 -8.30
CA CYS A 6 11.21 -2.88 -6.99
C CYS A 6 12.40 -3.69 -6.45
N ASP A 7 12.32 -5.01 -6.58
CA ASP A 7 13.38 -5.88 -6.11
C ASP A 7 13.70 -6.96 -7.14
N MET A 8 14.66 -7.81 -6.82
CA MET A 8 15.06 -8.89 -7.71
C MET A 8 14.21 -10.14 -7.47
N GLU A 9 12.92 -9.92 -7.22
CA GLU A 9 11.99 -11.01 -6.98
C GLU A 9 10.55 -10.54 -7.17
N VAL A 10 10.30 -9.29 -6.79
CA VAL A 10 8.97 -8.70 -6.92
C VAL A 10 8.82 -8.04 -8.29
N SER A 11 7.73 -8.36 -8.98
CA SER A 11 7.47 -7.79 -10.30
C SER A 11 6.04 -7.27 -10.41
N CYS A 12 5.88 -5.98 -10.18
CA CYS A 12 4.57 -5.34 -10.28
C CYS A 12 4.45 -4.61 -11.61
N PRO A 13 3.83 -5.24 -12.62
CA PRO A 13 3.69 -4.65 -13.95
C PRO A 13 2.54 -3.65 -14.06
N ASP A 14 2.05 -3.47 -15.28
CA ASP A 14 0.97 -2.52 -15.55
C ASP A 14 -0.21 -2.72 -14.60
N GLY A 15 -0.63 -1.62 -13.97
CA GLY A 15 -1.76 -1.68 -13.07
C GLY A 15 -1.37 -2.17 -11.68
N TYR A 16 -0.07 -2.33 -11.45
CA TYR A 16 0.42 -2.80 -10.16
C TYR A 16 1.37 -1.79 -9.52
N THR A 17 1.48 -1.85 -8.21
CA THR A 17 2.35 -0.97 -7.46
C THR A 17 3.28 -1.78 -6.56
N CYS A 18 4.55 -1.38 -6.49
CA CYS A 18 5.50 -2.09 -5.66
C CYS A 18 5.78 -1.30 -4.37
N CYS A 19 5.39 -1.88 -3.24
CA CYS A 19 5.57 -1.23 -1.95
C CYS A 19 5.76 -2.26 -0.84
N ARG A 20 6.68 -1.96 0.07
CA ARG A 20 6.96 -2.86 1.19
C ARG A 20 5.69 -3.20 1.96
N LEU A 21 5.64 -4.40 2.50
CA LEU A 21 4.48 -4.86 3.26
C LEU A 21 4.78 -4.86 4.75
N GLN A 22 5.33 -5.97 5.23
CA GLN A 22 5.68 -6.10 6.64
C GLN A 22 7.15 -5.72 6.87
N SER A 23 7.65 -4.85 6.00
CA SER A 23 9.03 -4.39 6.08
C SER A 23 10.01 -5.54 5.83
N GLY A 24 9.47 -6.68 5.41
CA GLY A 24 10.29 -7.84 5.15
C GLY A 24 10.41 -8.13 3.66
N ALA A 25 9.53 -7.51 2.88
CA ALA A 25 9.53 -7.69 1.43
C ALA A 25 8.60 -6.68 0.75
N TRP A 26 8.56 -6.73 -0.57
CA TRP A 26 7.72 -5.81 -1.33
C TRP A 26 6.44 -6.50 -1.79
N GLY A 27 5.43 -5.70 -2.10
CA GLY A 27 4.16 -6.25 -2.55
C GLY A 27 3.62 -5.54 -3.77
N CYS A 28 2.77 -6.24 -4.53
CA CYS A 28 2.18 -5.69 -5.73
C CYS A 28 0.71 -5.33 -5.49
N CYS A 29 0.41 -4.03 -5.54
CA CYS A 29 -0.94 -3.55 -5.33
C CYS A 29 -1.56 -3.14 -6.67
N PRO A 30 -2.67 -3.79 -7.08
CA PRO A 30 -3.34 -3.50 -8.35
C PRO A 30 -4.12 -2.20 -8.32
N PHE A 31 -3.40 -1.09 -8.21
CA PHE A 31 -4.03 0.23 -8.17
C PHE A 31 -3.02 1.32 -8.49
N THR A 32 -3.42 2.57 -8.30
CA THR A 32 -2.55 3.71 -8.56
C THR A 32 -1.61 3.93 -7.38
N GLN A 33 -0.32 4.06 -7.67
CA GLN A 33 0.69 4.28 -6.63
C GLN A 33 0.25 5.35 -5.64
N ALA A 34 -0.04 4.94 -4.40
CA ALA A 34 -0.47 5.86 -3.36
C ALA A 34 -0.22 5.28 -1.98
N VAL A 35 -0.87 4.17 -1.70
CA VAL A 35 -0.73 3.48 -0.42
C VAL A 35 -0.03 2.14 -0.60
N CYS A 36 0.12 1.40 0.50
CA CYS A 36 0.78 0.09 0.46
C CYS A 36 0.17 -0.85 1.49
N CYS A 37 0.53 -0.64 2.77
CA CYS A 37 0.02 -1.47 3.86
C CYS A 37 0.12 -2.95 3.53
N GLU A 38 -0.77 -3.74 4.12
CA GLU A 38 -0.79 -5.18 3.88
C GLU A 38 -1.48 -5.52 2.56
N ASP A 39 -1.76 -6.79 2.36
CA ASP A 39 -2.42 -7.25 1.14
C ASP A 39 -3.58 -8.18 1.47
N HIS A 40 -4.80 -7.69 1.26
CA HIS A 40 -6.00 -8.48 1.53
C HIS A 40 -7.03 -8.32 0.43
N ILE A 41 -7.10 -7.11 -0.13
CA ILE A 41 -8.04 -6.83 -1.21
C ILE A 41 -7.69 -5.52 -1.92
N HIS A 42 -7.10 -4.58 -1.18
CA HIS A 42 -6.72 -3.29 -1.75
C HIS A 42 -5.83 -2.50 -0.79
N CYS A 43 -5.26 -1.41 -1.30
CA CYS A 43 -4.40 -0.55 -0.50
C CYS A 43 -5.21 0.62 0.08
N CYS A 44 -6.04 0.30 1.07
CA CYS A 44 -6.90 1.29 1.73
C CYS A 44 -7.94 1.85 0.77
N PRO A 45 -9.15 2.16 1.28
CA PRO A 45 -10.25 2.69 0.48
C PRO A 45 -9.92 4.05 -0.14
N ALA A 46 -10.91 4.94 -0.17
CA ALA A 46 -10.73 6.28 -0.74
C ALA A 46 -9.52 6.99 -0.15
N GLY A 47 -9.70 7.62 1.01
CA GLY A 47 -8.61 8.34 1.64
C GLY A 47 -8.32 7.85 3.05
N PHE A 48 -8.32 6.53 3.22
CA PHE A 48 -8.06 5.93 4.52
C PHE A 48 -6.57 5.60 4.66
N THR A 49 -6.01 5.90 5.83
CA THR A 49 -4.60 5.63 6.07
C THR A 49 -4.40 4.39 6.93
N CYS A 50 -3.49 3.51 6.49
CA CYS A 50 -3.21 2.26 7.20
C CYS A 50 -2.19 2.50 8.30
N ASP A 51 -2.53 2.06 9.50
CA ASP A 51 -1.66 2.20 10.64
C ASP A 51 -0.68 1.03 10.68
N THR A 52 0.60 1.34 10.92
CA THR A 52 1.67 0.34 10.95
C THR A 52 1.34 -0.86 11.83
N GLN A 53 0.48 -0.68 12.82
CA GLN A 53 0.12 -1.77 13.71
C GLN A 53 -0.34 -3.01 12.93
N LYS A 54 -1.04 -2.77 11.82
CA LYS A 54 -1.53 -3.88 11.00
C LYS A 54 -2.15 -3.36 9.70
N GLY A 55 -1.56 -2.29 9.16
CA GLY A 55 -2.09 -1.71 7.95
C GLY A 55 -3.57 -1.41 8.09
N THR A 56 -3.94 -0.78 9.20
CA THR A 56 -5.33 -0.44 9.45
C THR A 56 -5.73 0.86 8.78
N CYS A 57 -6.46 0.75 7.67
CA CYS A 57 -6.89 1.92 6.93
C CYS A 57 -8.18 2.49 7.52
N GLU A 58 -8.12 3.76 7.94
CA GLU A 58 -9.27 4.43 8.53
C GLU A 58 -9.37 5.86 8.01
N GLN A 59 -10.54 6.47 8.21
CA GLN A 59 -10.78 7.83 7.77
C GLN A 59 -9.63 8.74 8.16
N LYS A 60 -8.98 9.34 7.16
CA LYS A 60 -7.85 10.24 7.39
C LYS A 60 -6.69 9.49 8.05
N LEU A 61 -5.63 10.23 8.38
CA LEU A 61 -4.46 9.63 9.01
C LEU A 61 -4.69 9.43 10.50
N ALA A 62 -4.00 8.45 11.08
CA ALA A 62 -4.12 8.16 12.50
C ALA A 62 -2.75 8.20 13.19
N ALA A 63 -1.75 8.67 12.46
CA ALA A 63 -0.39 8.77 13.00
C ALA A 63 0.10 7.42 13.50
N ALA A 64 -0.37 6.34 12.87
CA ALA A 64 0.03 4.99 13.24
C ALA A 64 -0.36 4.67 14.68
N LEU A 65 -1.40 3.87 14.85
CA LEU A 65 -1.87 3.48 16.18
C LEU A 65 -0.82 2.66 16.90
N GLU A 66 -0.72 2.86 18.22
CA GLU A 66 0.25 2.12 19.03
C GLU A 66 -0.39 1.63 20.32
N HIS A 67 0.06 0.47 20.78
CA HIS A 67 -0.45 -0.13 22.02
C HIS A 67 -1.95 -0.44 21.90
N HIS A 68 -2.26 -1.72 21.71
CA HIS A 68 -3.64 -2.16 21.58
C HIS A 68 -4.31 -2.27 22.95
N HIS A 69 -5.58 -1.90 23.03
CA HIS A 69 -6.32 -1.96 24.28
C HIS A 69 -6.82 -3.37 24.55
N HIS A 70 -6.79 -3.77 25.81
CA HIS A 70 -7.24 -5.10 26.22
C HIS A 70 -8.57 -5.00 26.97
N HIS A 71 -8.78 -5.91 27.92
CA HIS A 71 -10.01 -5.92 28.70
C HIS A 71 -9.70 -5.96 30.19
N HIS A 72 -10.32 -5.06 30.96
CA HIS A 72 -10.11 -4.99 32.40
C HIS A 72 -11.25 -5.66 33.14
N ALA A 1 5.39 -2.00 -22.26
CA ALA A 1 6.22 -0.79 -22.51
C ALA A 1 7.02 -0.41 -21.28
N MET A 2 6.32 -0.06 -20.20
CA MET A 2 6.98 0.33 -18.95
C MET A 2 6.37 -0.41 -17.78
N ASP A 3 7.22 -1.08 -17.00
CA ASP A 3 6.76 -1.84 -15.84
C ASP A 3 7.55 -1.45 -14.59
N VAL A 4 6.97 -1.72 -13.42
CA VAL A 4 7.62 -1.40 -12.15
C VAL A 4 8.28 -2.62 -11.55
N LYS A 5 9.60 -2.60 -11.44
CA LYS A 5 10.35 -3.71 -10.87
C LYS A 5 10.96 -3.32 -9.53
N CYS A 6 10.84 -4.22 -8.55
CA CYS A 6 11.38 -3.99 -7.22
C CYS A 6 11.99 -5.27 -6.65
N ASP A 7 13.29 -5.23 -6.39
CA ASP A 7 14.01 -6.39 -5.85
C ASP A 7 13.95 -7.57 -6.81
N MET A 8 14.76 -8.58 -6.54
CA MET A 8 14.80 -9.76 -7.39
C MET A 8 13.86 -10.84 -6.88
N GLU A 9 12.58 -10.48 -6.74
CA GLU A 9 11.57 -11.42 -6.26
C GLU A 9 10.17 -10.83 -6.39
N VAL A 10 10.10 -9.55 -6.73
CA VAL A 10 8.82 -8.87 -6.89
C VAL A 10 8.69 -8.23 -8.26
N SER A 11 7.53 -8.42 -8.89
CA SER A 11 7.27 -7.86 -10.22
C SER A 11 5.90 -7.23 -10.29
N CYS A 12 5.84 -5.91 -10.15
CA CYS A 12 4.58 -5.19 -10.21
C CYS A 12 4.47 -4.43 -11.53
N PRO A 13 3.88 -5.05 -12.57
CA PRO A 13 3.73 -4.43 -13.88
C PRO A 13 2.57 -3.44 -13.95
N ASP A 14 2.03 -3.25 -15.15
CA ASP A 14 0.92 -2.33 -15.36
C ASP A 14 -0.27 -2.68 -14.49
N GLY A 15 -0.83 -1.67 -13.83
CA GLY A 15 -1.97 -1.88 -12.95
C GLY A 15 -1.55 -2.29 -11.57
N TYR A 16 -0.28 -2.64 -11.41
CA TYR A 16 0.23 -3.05 -10.11
C TYR A 16 1.06 -1.96 -9.47
N THR A 17 1.13 -1.98 -8.15
CA THR A 17 1.91 -1.02 -7.40
C THR A 17 2.94 -1.74 -6.55
N CYS A 18 4.14 -1.16 -6.48
CA CYS A 18 5.22 -1.77 -5.70
C CYS A 18 5.42 -1.02 -4.39
N CYS A 19 5.07 -1.68 -3.29
CA CYS A 19 5.22 -1.08 -1.97
C CYS A 19 5.52 -2.12 -0.92
N ARG A 20 6.37 -1.76 0.04
CA ARG A 20 6.75 -2.66 1.12
C ARG A 20 5.53 -3.13 1.89
N LEU A 21 5.63 -4.31 2.49
CA LEU A 21 4.53 -4.88 3.26
C LEU A 21 4.84 -4.85 4.75
N GLN A 22 5.67 -5.78 5.19
CA GLN A 22 6.06 -5.86 6.59
C GLN A 22 7.50 -5.40 6.77
N SER A 23 7.94 -4.49 5.89
CA SER A 23 9.30 -3.97 5.93
C SER A 23 10.32 -5.07 5.67
N GLY A 24 9.83 -6.23 5.24
CA GLY A 24 10.70 -7.35 4.96
C GLY A 24 10.66 -7.75 3.50
N ALA A 25 9.71 -7.20 2.76
CA ALA A 25 9.57 -7.50 1.34
C ALA A 25 8.60 -6.55 0.66
N TRP A 26 8.68 -6.48 -0.67
CA TRP A 26 7.81 -5.60 -1.44
C TRP A 26 6.53 -6.32 -1.83
N GLY A 27 5.54 -5.56 -2.24
CA GLY A 27 4.27 -6.14 -2.64
C GLY A 27 3.68 -5.50 -3.89
N CYS A 28 3.03 -6.32 -4.71
CA CYS A 28 2.42 -5.84 -5.95
C CYS A 28 0.90 -5.83 -5.83
N CYS A 29 0.32 -4.63 -5.76
CA CYS A 29 -1.13 -4.50 -5.66
C CYS A 29 -1.71 -4.05 -7.01
N PRO A 30 -2.56 -4.89 -7.62
CA PRO A 30 -3.18 -4.59 -8.93
C PRO A 30 -4.34 -3.61 -8.84
N PHE A 31 -4.03 -2.36 -8.55
CA PHE A 31 -5.06 -1.32 -8.44
C PHE A 31 -4.45 0.07 -8.54
N THR A 32 -5.29 1.09 -8.45
CA THR A 32 -4.83 2.47 -8.52
C THR A 32 -4.34 2.94 -7.16
N GLN A 33 -3.98 4.22 -7.07
CA GLN A 33 -3.50 4.80 -5.81
C GLN A 33 -2.30 4.01 -5.29
N ALA A 34 -2.01 4.17 -4.00
CA ALA A 34 -0.89 3.48 -3.37
C ALA A 34 -1.16 3.16 -1.91
N VAL A 35 -1.23 1.87 -1.59
CA VAL A 35 -1.48 1.44 -0.23
C VAL A 35 -0.43 0.42 0.22
N CYS A 36 0.02 0.55 1.46
CA CYS A 36 1.03 -0.34 2.02
C CYS A 36 1.28 -0.03 3.50
N CYS A 37 0.20 0.26 4.22
CA CYS A 37 0.29 0.58 5.64
C CYS A 37 0.79 -0.62 6.43
N GLU A 38 1.13 -0.39 7.70
CA GLU A 38 1.62 -1.44 8.58
C GLU A 38 0.51 -2.44 8.90
N ASP A 39 0.90 -3.56 9.49
CA ASP A 39 -0.05 -4.61 9.85
C ASP A 39 -0.86 -5.05 8.64
N HIS A 40 -2.00 -5.71 8.89
CA HIS A 40 -2.87 -6.19 7.82
C HIS A 40 -2.10 -7.12 6.89
N ILE A 41 -2.71 -7.43 5.75
CA ILE A 41 -2.09 -8.31 4.75
C ILE A 41 -2.41 -7.84 3.35
N HIS A 42 -3.47 -7.04 3.21
CA HIS A 42 -3.89 -6.53 1.91
C HIS A 42 -3.70 -5.01 1.85
N CYS A 43 -3.77 -4.47 0.65
CA CYS A 43 -3.62 -3.03 0.46
C CYS A 43 -4.98 -2.34 0.42
N CYS A 44 -5.96 -2.94 1.10
CA CYS A 44 -7.32 -2.38 1.15
C CYS A 44 -7.95 -2.35 -0.24
N PRO A 45 -9.30 -2.33 -0.31
CA PRO A 45 -10.01 -2.29 -1.59
C PRO A 45 -9.61 -1.08 -2.44
N ALA A 46 -10.24 -0.96 -3.60
CA ALA A 46 -9.93 0.14 -4.52
C ALA A 46 -10.47 1.48 -4.01
N GLY A 47 -9.58 2.48 -3.97
CA GLY A 47 -9.97 3.80 -3.52
C GLY A 47 -9.67 4.04 -2.05
N PHE A 48 -9.52 2.98 -1.28
CA PHE A 48 -9.24 3.10 0.15
C PHE A 48 -7.76 3.32 0.42
N THR A 49 -7.44 4.53 0.85
CA THR A 49 -6.06 4.89 1.16
C THR A 49 -5.85 4.92 2.67
N CYS A 50 -4.66 4.51 3.11
CA CYS A 50 -4.33 4.49 4.53
C CYS A 50 -3.84 5.85 4.98
N ASP A 51 -4.40 6.33 6.08
CA ASP A 51 -4.01 7.61 6.64
C ASP A 51 -2.79 7.41 7.50
N THR A 52 -1.82 8.32 7.37
CA THR A 52 -0.56 8.25 8.11
C THR A 52 -0.76 8.64 9.58
N GLN A 53 -1.78 8.08 10.18
CA GLN A 53 -2.09 8.34 11.58
C GLN A 53 -2.33 7.01 12.28
N LYS A 54 -2.80 6.04 11.52
CA LYS A 54 -3.06 4.70 12.03
C LYS A 54 -3.45 3.77 10.89
N GLY A 55 -2.86 4.01 9.72
CA GLY A 55 -3.17 3.21 8.56
C GLY A 55 -4.66 3.18 8.32
N THR A 56 -5.26 4.36 8.29
CA THR A 56 -6.70 4.48 8.10
C THR A 56 -7.12 4.42 6.63
N CYS A 57 -7.63 3.28 6.21
CA CYS A 57 -8.09 3.11 4.82
C CYS A 57 -9.52 3.61 4.66
N GLU A 58 -9.71 4.59 3.78
CA GLU A 58 -11.04 5.14 3.55
C GLU A 58 -11.28 5.48 2.08
N GLN A 59 -12.55 5.50 1.70
CA GLN A 59 -12.95 5.80 0.32
C GLN A 59 -12.35 7.13 -0.14
N LYS A 60 -11.42 7.04 -1.08
CA LYS A 60 -10.76 8.22 -1.63
C LYS A 60 -9.91 8.95 -0.59
N LEU A 61 -10.58 9.64 0.34
CA LEU A 61 -9.90 10.39 1.40
C LEU A 61 -8.98 9.47 2.22
N ALA A 62 -8.40 10.04 3.28
CA ALA A 62 -7.50 9.30 4.15
C ALA A 62 -6.19 8.96 3.43
N ALA A 63 -5.59 9.96 2.81
CA ALA A 63 -4.34 9.77 2.08
C ALA A 63 -3.14 10.07 2.97
N ALA A 64 -3.28 11.10 3.81
CA ALA A 64 -2.21 11.49 4.72
C ALA A 64 -2.73 12.42 5.80
N LEU A 65 -3.40 11.85 6.80
CA LEU A 65 -3.95 12.61 7.92
C LEU A 65 -5.08 13.53 7.45
N GLU A 66 -6.06 13.74 8.32
CA GLU A 66 -7.20 14.59 8.00
C GLU A 66 -7.40 15.66 9.08
N HIS A 67 -8.54 16.35 9.01
CA HIS A 67 -8.85 17.40 9.97
C HIS A 67 -10.29 17.29 10.47
N HIS A 68 -10.93 16.15 10.16
CA HIS A 68 -12.30 15.92 10.58
C HIS A 68 -12.38 14.77 11.57
N HIS A 69 -13.46 13.98 11.50
CA HIS A 69 -13.66 12.84 12.40
C HIS A 69 -13.78 13.31 13.84
N HIS A 70 -13.80 12.36 14.77
CA HIS A 70 -13.91 12.67 16.19
C HIS A 70 -12.55 12.60 16.88
N HIS A 71 -11.54 12.16 16.15
CA HIS A 71 -10.19 12.05 16.70
C HIS A 71 -9.24 13.04 16.03
N HIS A 72 -8.02 13.13 16.54
CA HIS A 72 -7.01 14.03 15.99
C HIS A 72 -6.64 13.62 14.56
N ALA A 1 8.92 -7.41 -20.61
CA ALA A 1 8.33 -6.20 -21.22
C ALA A 1 7.98 -5.16 -20.16
N MET A 2 8.87 -4.16 -20.01
CA MET A 2 8.66 -3.10 -19.04
C MET A 2 8.46 -3.67 -17.63
N ASP A 3 7.26 -3.50 -17.08
CA ASP A 3 6.96 -4.01 -15.74
C ASP A 3 7.79 -3.31 -14.67
N VAL A 4 7.17 -3.02 -13.53
CA VAL A 4 7.85 -2.36 -12.43
C VAL A 4 8.42 -3.37 -11.45
N LYS A 5 9.71 -3.62 -11.54
CA LYS A 5 10.38 -4.58 -10.65
C LYS A 5 11.00 -3.87 -9.45
N CYS A 6 10.31 -3.92 -8.32
CA CYS A 6 10.80 -3.29 -7.10
C CYS A 6 11.78 -4.20 -6.38
N ASP A 7 12.99 -3.69 -6.15
CA ASP A 7 14.04 -4.45 -5.46
C ASP A 7 14.40 -5.71 -6.26
N MET A 8 13.98 -5.75 -7.52
CA MET A 8 14.27 -6.89 -8.39
C MET A 8 13.87 -8.20 -7.73
N GLU A 9 12.74 -8.18 -7.01
CA GLU A 9 12.25 -9.37 -6.33
C GLU A 9 10.74 -9.49 -6.47
N VAL A 10 10.08 -8.34 -6.70
CA VAL A 10 8.64 -8.30 -6.85
C VAL A 10 8.26 -7.80 -8.24
N SER A 11 7.20 -8.38 -8.81
CA SER A 11 6.74 -8.00 -10.15
C SER A 11 5.39 -7.31 -10.12
N CYS A 12 5.42 -5.98 -10.12
CA CYS A 12 4.19 -5.19 -10.14
C CYS A 12 4.09 -4.43 -11.46
N PRO A 13 3.56 -5.08 -12.50
CA PRO A 13 3.43 -4.49 -13.84
C PRO A 13 2.45 -3.33 -13.88
N ASP A 14 2.06 -2.94 -15.10
CA ASP A 14 1.13 -1.84 -15.30
C ASP A 14 -0.12 -2.01 -14.44
N GLY A 15 -0.50 -0.94 -13.76
CA GLY A 15 -1.68 -0.97 -12.91
C GLY A 15 -1.38 -1.50 -11.52
N TYR A 16 -0.11 -1.84 -11.28
CA TYR A 16 0.29 -2.37 -9.98
C TYR A 16 1.27 -1.44 -9.28
N THR A 17 1.28 -1.51 -7.95
CA THR A 17 2.18 -0.69 -7.14
C THR A 17 3.05 -1.58 -6.26
N CYS A 18 4.34 -1.30 -6.21
CA CYS A 18 5.25 -2.09 -5.40
C CYS A 18 5.62 -1.36 -4.12
N CYS A 19 5.05 -1.81 -3.00
CA CYS A 19 5.31 -1.20 -1.70
C CYS A 19 5.55 -2.26 -0.63
N ARG A 20 6.53 -2.01 0.23
CA ARG A 20 6.84 -2.93 1.31
C ARG A 20 5.59 -3.23 2.13
N LEU A 21 5.62 -4.33 2.85
CA LEU A 21 4.50 -4.74 3.68
C LEU A 21 4.91 -4.72 5.15
N GLN A 22 6.20 -4.91 5.36
CA GLN A 22 6.78 -4.91 6.70
C GLN A 22 8.29 -4.94 6.60
N SER A 23 8.80 -5.84 5.73
CA SER A 23 10.24 -5.97 5.52
C SER A 23 10.55 -7.21 4.68
N GLY A 24 9.72 -8.24 4.83
CA GLY A 24 9.93 -9.48 4.09
C GLY A 24 10.12 -9.24 2.60
N ALA A 25 9.20 -8.49 2.00
CA ALA A 25 9.29 -8.18 0.58
C ALA A 25 8.32 -7.06 0.22
N TRP A 26 8.09 -6.88 -1.08
CA TRP A 26 7.19 -5.84 -1.57
C TRP A 26 5.88 -6.43 -2.05
N GLY A 27 4.84 -5.61 -2.04
CA GLY A 27 3.52 -6.06 -2.48
C GLY A 27 3.05 -5.31 -3.70
N CYS A 28 2.17 -5.96 -4.47
CA CYS A 28 1.63 -5.35 -5.69
C CYS A 28 0.20 -4.88 -5.48
N CYS A 29 -0.01 -3.57 -5.61
CA CYS A 29 -1.34 -2.99 -5.45
C CYS A 29 -1.92 -2.63 -6.83
N PRO A 30 -3.00 -3.32 -7.24
CA PRO A 30 -3.64 -3.11 -8.54
C PRO A 30 -4.45 -1.81 -8.62
N PHE A 31 -3.73 -0.69 -8.67
CA PHE A 31 -4.36 0.61 -8.75
C PHE A 31 -3.34 1.68 -9.16
N THR A 32 -3.74 2.95 -9.07
CA THR A 32 -2.86 4.06 -9.41
C THR A 32 -1.68 4.13 -8.45
N GLN A 33 -1.05 5.31 -8.36
CA GLN A 33 0.09 5.50 -7.48
C GLN A 33 -0.28 6.39 -6.28
N ALA A 34 0.75 6.87 -5.58
CA ALA A 34 0.56 7.74 -4.41
C ALA A 34 -0.04 6.98 -3.24
N VAL A 35 0.83 6.34 -2.45
CA VAL A 35 0.40 5.57 -1.28
C VAL A 35 1.56 5.35 -0.33
N CYS A 36 1.30 4.62 0.76
CA CYS A 36 2.32 4.35 1.76
C CYS A 36 2.87 5.65 2.33
N CYS A 37 2.04 6.69 2.27
CA CYS A 37 2.42 8.01 2.78
C CYS A 37 2.88 7.92 4.24
N GLU A 38 1.96 7.55 5.12
CA GLU A 38 2.27 7.42 6.54
C GLU A 38 2.12 5.97 6.99
N ASP A 39 1.53 5.15 6.14
CA ASP A 39 1.33 3.74 6.45
C ASP A 39 2.19 2.85 5.56
N HIS A 40 2.07 1.54 5.74
CA HIS A 40 2.84 0.59 4.95
C HIS A 40 2.19 -0.79 4.99
N ILE A 41 0.89 -0.84 4.72
CA ILE A 41 0.14 -2.09 4.73
C ILE A 41 -1.20 -1.93 4.02
N HIS A 42 -1.59 -0.67 3.77
CA HIS A 42 -2.84 -0.39 3.09
C HIS A 42 -2.65 0.69 2.02
N CYS A 43 -2.52 0.26 0.77
CA CYS A 43 -2.32 1.19 -0.34
C CYS A 43 -3.66 1.76 -0.81
N CYS A 44 -4.63 1.82 0.10
CA CYS A 44 -5.96 2.36 -0.22
C CYS A 44 -6.67 1.49 -1.27
N PRO A 45 -7.99 1.32 -1.12
CA PRO A 45 -8.79 0.51 -2.06
C PRO A 45 -8.66 1.01 -3.50
N ALA A 46 -9.06 0.17 -4.45
CA ALA A 46 -8.98 0.52 -5.86
C ALA A 46 -9.90 1.69 -6.19
N GLY A 47 -9.31 2.75 -6.72
CA GLY A 47 -10.09 3.92 -7.08
C GLY A 47 -9.76 5.13 -6.22
N PHE A 48 -9.21 4.89 -5.04
CA PHE A 48 -8.87 5.96 -4.12
C PHE A 48 -7.37 6.04 -3.89
N THR A 49 -6.93 7.21 -3.44
CA THR A 49 -5.51 7.44 -3.16
C THR A 49 -5.34 8.09 -1.80
N CYS A 50 -4.09 8.23 -1.36
CA CYS A 50 -3.80 8.84 -0.07
C CYS A 50 -3.75 10.36 -0.19
N ASP A 51 -4.69 11.03 0.48
CA ASP A 51 -4.77 12.47 0.43
C ASP A 51 -4.38 13.09 1.77
N THR A 52 -4.19 14.41 1.77
CA THR A 52 -3.82 15.17 2.97
C THR A 52 -2.45 14.72 3.49
N GLN A 53 -1.75 13.92 2.70
CA GLN A 53 -0.43 13.43 3.09
C GLN A 53 -0.49 12.63 4.38
N LYS A 54 -1.71 12.40 4.87
CA LYS A 54 -1.92 11.65 6.10
C LYS A 54 -2.25 10.19 5.77
N GLY A 55 -3.03 9.99 4.72
CA GLY A 55 -3.40 8.65 4.32
C GLY A 55 -4.90 8.50 4.13
N THR A 56 -5.55 9.56 3.66
CA THR A 56 -6.99 9.53 3.42
C THR A 56 -7.30 8.96 2.05
N CYS A 57 -7.89 7.77 2.02
CA CYS A 57 -8.23 7.12 0.77
C CYS A 57 -9.56 7.62 0.22
N GLU A 58 -9.49 8.48 -0.79
CA GLU A 58 -10.68 9.05 -1.40
C GLU A 58 -10.60 9.01 -2.92
N GLN A 59 -11.74 9.19 -3.59
CA GLN A 59 -11.81 9.17 -5.04
C GLN A 59 -11.20 10.44 -5.63
N LYS A 60 -9.90 10.61 -5.43
CA LYS A 60 -9.17 11.76 -5.93
C LYS A 60 -9.90 13.05 -5.57
N LEU A 61 -9.66 13.56 -4.36
CA LEU A 61 -10.30 14.79 -3.91
C LEU A 61 -9.26 15.82 -3.47
N ALA A 62 -8.00 15.42 -3.45
CA ALA A 62 -6.92 16.32 -3.06
C ALA A 62 -5.56 15.82 -3.55
N ALA A 63 -5.58 14.71 -4.30
CA ALA A 63 -4.36 14.12 -4.83
C ALA A 63 -3.40 13.72 -3.72
N ALA A 64 -2.56 14.65 -3.29
CA ALA A 64 -1.59 14.38 -2.23
C ALA A 64 -1.15 15.67 -1.54
N LEU A 65 -2.06 16.26 -0.78
CA LEU A 65 -1.77 17.51 -0.06
C LEU A 65 -1.27 18.58 -1.02
N GLU A 66 -2.21 19.25 -1.68
CA GLU A 66 -1.86 20.31 -2.64
C GLU A 66 -3.04 21.25 -2.84
N HIS A 67 -4.16 20.70 -3.31
CA HIS A 67 -5.35 21.49 -3.55
C HIS A 67 -5.94 22.03 -2.25
N HIS A 68 -6.74 23.09 -2.35
CA HIS A 68 -7.35 23.70 -1.18
C HIS A 68 -8.78 23.22 -1.02
N HIS A 69 -9.38 23.52 0.14
CA HIS A 69 -10.75 23.12 0.42
C HIS A 69 -11.56 24.30 0.96
N HIS A 70 -12.79 24.02 1.38
CA HIS A 70 -13.68 25.05 1.91
C HIS A 70 -13.61 25.09 3.44
N HIS A 71 -12.52 25.65 3.96
CA HIS A 71 -12.34 25.75 5.41
C HIS A 71 -12.17 27.20 5.83
N HIS A 72 -12.03 27.41 7.15
CA HIS A 72 -11.86 28.76 7.69
C HIS A 72 -11.27 28.71 9.09
N ALA A 1 5.59 -7.31 -20.98
CA ALA A 1 5.43 -7.58 -19.53
C ALA A 1 6.56 -6.95 -18.73
N MET A 2 6.41 -6.94 -17.40
CA MET A 2 7.41 -6.37 -16.52
C MET A 2 7.66 -4.90 -16.83
N ASP A 3 6.97 -4.02 -16.10
CA ASP A 3 7.13 -2.58 -16.31
C ASP A 3 7.77 -1.91 -15.11
N VAL A 4 7.11 -2.01 -13.95
CA VAL A 4 7.63 -1.39 -12.73
C VAL A 4 8.23 -2.45 -11.80
N LYS A 5 9.47 -2.21 -11.38
CA LYS A 5 10.17 -3.13 -10.49
C LYS A 5 10.69 -2.38 -9.26
N CYS A 6 10.46 -2.96 -8.08
CA CYS A 6 10.89 -2.34 -6.83
C CYS A 6 12.07 -3.08 -6.22
N ASP A 7 12.36 -4.28 -6.75
CA ASP A 7 13.47 -5.08 -6.25
C ASP A 7 13.76 -6.25 -7.20
N MET A 8 14.82 -6.99 -6.90
CA MET A 8 15.21 -8.13 -7.73
C MET A 8 14.45 -9.39 -7.33
N GLU A 9 13.13 -9.25 -7.17
CA GLU A 9 12.29 -10.39 -6.80
C GLU A 9 10.81 -10.05 -6.98
N VAL A 10 10.52 -8.77 -7.19
CA VAL A 10 9.15 -8.32 -7.38
C VAL A 10 8.87 -8.00 -8.84
N SER A 11 7.60 -7.87 -9.18
CA SER A 11 7.20 -7.55 -10.56
C SER A 11 5.80 -6.95 -10.62
N CYS A 12 5.73 -5.64 -10.41
CA CYS A 12 4.46 -4.93 -10.45
C CYS A 12 4.33 -4.17 -11.77
N PRO A 13 3.69 -4.78 -12.77
CA PRO A 13 3.52 -4.16 -14.09
C PRO A 13 2.49 -3.03 -14.08
N ASP A 14 2.05 -2.63 -15.28
CA ASP A 14 1.08 -1.56 -15.43
C ASP A 14 -0.16 -1.81 -14.58
N GLY A 15 -0.57 -0.80 -13.82
CA GLY A 15 -1.74 -0.91 -12.98
C GLY A 15 -1.41 -1.43 -11.59
N TYR A 16 -0.15 -1.80 -11.38
CA TYR A 16 0.28 -2.31 -10.09
C TYR A 16 1.23 -1.34 -9.39
N THR A 17 1.33 -1.48 -8.07
CA THR A 17 2.19 -0.64 -7.27
C THR A 17 3.06 -1.51 -6.37
N CYS A 18 4.29 -1.08 -6.12
CA CYS A 18 5.20 -1.85 -5.28
C CYS A 18 5.32 -1.21 -3.90
N CYS A 19 4.75 -1.88 -2.90
CA CYS A 19 4.77 -1.39 -1.53
C CYS A 19 5.23 -2.47 -0.57
N ARG A 20 6.18 -2.11 0.29
CA ARG A 20 6.72 -3.04 1.28
C ARG A 20 5.62 -3.68 2.13
N LEU A 21 5.92 -4.86 2.65
CA LEU A 21 4.98 -5.59 3.50
C LEU A 21 5.72 -6.23 4.66
N GLN A 22 5.55 -5.65 5.85
CA GLN A 22 6.21 -6.16 7.05
C GLN A 22 7.72 -6.04 6.91
N SER A 23 8.16 -5.18 5.99
CA SER A 23 9.57 -4.95 5.74
C SER A 23 10.28 -6.21 5.25
N GLY A 24 9.50 -7.27 5.00
CA GLY A 24 10.08 -8.51 4.53
C GLY A 24 10.31 -8.50 3.03
N ALA A 25 9.50 -7.72 2.34
CA ALA A 25 9.60 -7.59 0.88
C ALA A 25 8.59 -6.58 0.36
N TRP A 26 8.38 -6.55 -0.96
CA TRP A 26 7.43 -5.62 -1.55
C TRP A 26 6.22 -6.36 -2.09
N GLY A 27 5.14 -5.62 -2.34
CA GLY A 27 3.93 -6.22 -2.86
C GLY A 27 3.37 -5.46 -4.05
N CYS A 28 2.59 -6.15 -4.87
CA CYS A 28 1.99 -5.53 -6.06
C CYS A 28 0.51 -5.27 -5.85
N CYS A 29 0.16 -3.99 -5.74
CA CYS A 29 -1.22 -3.59 -5.54
C CYS A 29 -1.79 -3.02 -6.85
N PRO A 30 -2.91 -3.58 -7.33
CA PRO A 30 -3.56 -3.14 -8.58
C PRO A 30 -4.35 -1.85 -8.41
N PHE A 31 -3.65 -0.77 -8.15
CA PHE A 31 -4.29 0.54 -7.98
C PHE A 31 -3.27 1.67 -8.10
N THR A 32 -3.76 2.90 -8.09
CA THR A 32 -2.88 4.07 -8.20
C THR A 32 -2.28 4.43 -6.85
N GLN A 33 -1.18 5.18 -6.87
CA GLN A 33 -0.50 5.59 -5.64
C GLN A 33 -0.04 4.38 -4.84
N ALA A 34 0.40 4.62 -3.61
CA ALA A 34 0.85 3.54 -2.73
C ALA A 34 0.11 3.55 -1.41
N VAL A 35 0.42 2.58 -0.55
CA VAL A 35 -0.23 2.47 0.75
C VAL A 35 0.77 1.98 1.81
N CYS A 36 1.21 0.74 1.66
CA CYS A 36 2.16 0.14 2.59
C CYS A 36 1.56 0.03 3.99
N CYS A 37 1.01 -1.14 4.30
CA CYS A 37 0.40 -1.38 5.61
C CYS A 37 1.17 -2.48 6.35
N GLU A 38 0.46 -3.28 7.13
CA GLU A 38 1.08 -4.37 7.88
C GLU A 38 0.23 -5.63 7.83
N ASP A 39 0.83 -6.76 8.20
CA ASP A 39 0.14 -8.05 8.21
C ASP A 39 -0.31 -8.46 6.81
N HIS A 40 -0.70 -9.73 6.67
CA HIS A 40 -1.15 -10.25 5.38
C HIS A 40 -2.50 -9.62 5.00
N ILE A 41 -2.46 -8.63 4.13
CA ILE A 41 -3.67 -7.95 3.67
C ILE A 41 -3.36 -7.02 2.51
N HIS A 42 -4.39 -6.67 1.75
CA HIS A 42 -4.21 -5.78 0.60
C HIS A 42 -4.22 -4.32 1.03
N CYS A 43 -3.88 -3.42 0.11
CA CYS A 43 -3.83 -1.99 0.39
C CYS A 43 -5.22 -1.47 0.77
N CYS A 44 -5.29 -0.19 1.11
CA CYS A 44 -6.56 0.43 1.48
C CYS A 44 -7.59 0.27 0.37
N PRO A 45 -8.87 0.02 0.73
CA PRO A 45 -9.95 -0.15 -0.23
C PRO A 45 -10.41 1.17 -0.84
N ALA A 46 -9.46 2.10 -0.97
CA ALA A 46 -9.75 3.42 -1.54
C ALA A 46 -10.68 4.23 -0.64
N GLY A 47 -10.24 5.43 -0.27
CA GLY A 47 -11.05 6.29 0.58
C GLY A 47 -10.45 6.46 1.96
N PHE A 48 -9.55 5.55 2.32
CA PHE A 48 -8.90 5.60 3.63
C PHE A 48 -7.39 5.74 3.48
N THR A 49 -6.72 6.01 4.60
CA THR A 49 -5.27 6.16 4.59
C THR A 49 -4.60 5.23 5.60
N CYS A 50 -3.53 4.59 5.18
CA CYS A 50 -2.77 3.68 6.04
C CYS A 50 -1.79 4.46 6.87
N ASP A 51 -2.14 4.64 8.15
CA ASP A 51 -1.30 5.36 9.07
C ASP A 51 -0.23 4.41 9.61
N THR A 52 1.03 4.80 9.43
CA THR A 52 2.17 4.00 9.84
C THR A 52 2.10 3.64 11.33
N GLN A 53 1.46 4.49 12.12
CA GLN A 53 1.34 4.25 13.54
C GLN A 53 0.79 2.86 13.80
N LYS A 54 0.01 2.33 12.86
CA LYS A 54 -0.55 1.00 13.02
C LYS A 54 -0.84 0.37 11.66
N GLY A 55 -0.21 0.92 10.62
CA GLY A 55 -0.40 0.41 9.28
C GLY A 55 -1.86 0.10 9.02
N THR A 56 -2.72 1.04 9.38
CA THR A 56 -4.17 0.84 9.21
C THR A 56 -4.81 1.92 8.34
N CYS A 57 -5.71 1.50 7.46
CA CYS A 57 -6.41 2.42 6.58
C CYS A 57 -7.76 2.81 7.17
N GLU A 58 -7.91 4.09 7.49
CA GLU A 58 -9.15 4.57 8.08
C GLU A 58 -9.58 5.89 7.44
N GLN A 59 -10.78 6.36 7.79
CA GLN A 59 -11.30 7.61 7.26
C GLN A 59 -10.41 8.78 7.66
N LYS A 60 -9.35 9.00 6.88
CA LYS A 60 -8.41 10.09 7.14
C LYS A 60 -7.81 9.95 8.53
N LEU A 61 -7.19 11.04 9.01
CA LEU A 61 -6.58 11.05 10.34
C LEU A 61 -5.46 10.02 10.46
N ALA A 62 -4.38 10.23 9.70
CA ALA A 62 -3.24 9.33 9.73
C ALA A 62 -2.23 9.76 10.79
N ALA A 63 -1.91 11.05 10.78
CA ALA A 63 -0.96 11.63 11.74
C ALA A 63 0.45 11.05 11.58
N ALA A 64 0.77 10.03 12.38
CA ALA A 64 2.09 9.39 12.34
C ALA A 64 2.59 9.19 10.92
N LEU A 65 1.70 8.78 10.02
CA LEU A 65 2.06 8.54 8.62
C LEU A 65 3.09 9.54 8.11
N GLU A 66 4.30 9.05 7.84
CA GLU A 66 5.39 9.87 7.34
C GLU A 66 5.67 11.05 8.27
N HIS A 67 5.86 10.76 9.56
CA HIS A 67 6.15 11.79 10.55
C HIS A 67 5.18 12.97 10.43
N HIS A 68 4.00 12.83 10.99
CA HIS A 68 2.99 13.88 10.95
C HIS A 68 2.66 14.27 9.52
N HIS A 69 1.89 15.34 9.35
CA HIS A 69 1.51 15.82 8.02
C HIS A 69 1.65 17.32 7.93
N HIS A 70 2.02 17.95 9.04
CA HIS A 70 2.19 19.40 9.10
C HIS A 70 3.63 19.79 8.72
N HIS A 71 4.57 18.87 8.96
CA HIS A 71 5.97 19.10 8.64
C HIS A 71 6.46 20.38 9.31
N HIS A 72 6.45 20.38 10.64
CA HIS A 72 6.90 21.54 11.42
C HIS A 72 8.42 21.63 11.42
N ALA A 1 10.43 -9.09 -16.99
CA ALA A 1 10.72 -8.22 -18.15
C ALA A 1 9.87 -6.95 -18.10
N MET A 2 10.52 -5.80 -18.19
CA MET A 2 9.82 -4.52 -18.16
C MET A 2 8.98 -4.38 -16.88
N ASP A 3 7.86 -3.67 -16.99
CA ASP A 3 6.96 -3.47 -15.85
C ASP A 3 7.66 -2.69 -14.74
N VAL A 4 6.91 -2.37 -13.69
CA VAL A 4 7.45 -1.63 -12.56
C VAL A 4 8.01 -2.56 -11.50
N LYS A 5 9.28 -2.92 -11.65
CA LYS A 5 9.94 -3.81 -10.69
C LYS A 5 10.66 -3.01 -9.62
N CYS A 6 10.13 -3.02 -8.40
CA CYS A 6 10.73 -2.29 -7.29
C CYS A 6 11.99 -3.00 -6.80
N ASP A 7 12.13 -4.27 -7.14
CA ASP A 7 13.29 -5.06 -6.73
C ASP A 7 13.54 -6.22 -7.69
N MET A 8 14.36 -7.18 -7.26
CA MET A 8 14.68 -8.34 -8.08
C MET A 8 13.94 -9.58 -7.60
N GLU A 9 12.67 -9.39 -7.23
CA GLU A 9 11.84 -10.49 -6.75
C GLU A 9 10.36 -10.16 -6.90
N VAL A 10 10.04 -8.87 -6.81
CA VAL A 10 8.66 -8.42 -6.94
C VAL A 10 8.41 -7.82 -8.31
N SER A 11 7.30 -8.22 -8.94
CA SER A 11 6.95 -7.73 -10.27
C SER A 11 5.58 -7.07 -10.29
N CYS A 12 5.57 -5.74 -10.18
CA CYS A 12 4.33 -4.98 -10.21
C CYS A 12 4.21 -4.25 -11.55
N PRO A 13 3.52 -4.87 -12.52
CA PRO A 13 3.35 -4.29 -13.86
C PRO A 13 2.33 -3.16 -13.88
N ASP A 14 1.81 -2.88 -15.07
CA ASP A 14 0.82 -1.82 -15.25
C ASP A 14 -0.37 -1.99 -14.32
N GLY A 15 -0.76 -0.91 -13.65
CA GLY A 15 -1.88 -0.96 -12.74
C GLY A 15 -1.48 -1.39 -11.33
N TYR A 16 -0.27 -1.92 -11.21
CA TYR A 16 0.23 -2.38 -9.92
C TYR A 16 1.24 -1.40 -9.33
N THR A 17 1.32 -1.40 -8.00
CA THR A 17 2.25 -0.54 -7.28
C THR A 17 3.08 -1.37 -6.31
N CYS A 18 4.32 -0.93 -6.05
CA CYS A 18 5.19 -1.66 -5.14
C CYS A 18 5.30 -0.97 -3.79
N CYS A 19 4.78 -1.61 -2.76
CA CYS A 19 4.82 -1.07 -1.40
C CYS A 19 5.26 -2.14 -0.41
N ARG A 20 6.21 -1.79 0.44
CA ARG A 20 6.73 -2.72 1.44
C ARG A 20 5.60 -3.28 2.29
N LEU A 21 5.72 -4.56 2.64
CA LEU A 21 4.70 -5.23 3.45
C LEU A 21 5.18 -5.39 4.89
N GLN A 22 5.72 -6.57 5.21
CA GLN A 22 6.24 -6.83 6.54
C GLN A 22 7.72 -6.50 6.59
N SER A 23 8.10 -5.46 5.85
CA SER A 23 9.49 -5.02 5.78
C SER A 23 10.41 -6.17 5.36
N GLY A 24 9.81 -7.22 4.80
CA GLY A 24 10.58 -8.37 4.35
C GLY A 24 10.65 -8.43 2.84
N ALA A 25 9.79 -7.64 2.20
CA ALA A 25 9.73 -7.58 0.75
C ALA A 25 8.71 -6.52 0.31
N TRP A 26 8.44 -6.48 -0.99
CA TRP A 26 7.48 -5.51 -1.53
C TRP A 26 6.21 -6.20 -2.01
N GLY A 27 5.14 -5.44 -2.12
CA GLY A 27 3.88 -5.98 -2.57
C GLY A 27 3.34 -5.27 -3.79
N CYS A 28 2.59 -6.01 -4.62
CA CYS A 28 2.01 -5.44 -5.83
C CYS A 28 0.52 -5.20 -5.65
N CYS A 29 0.13 -3.93 -5.60
CA CYS A 29 -1.26 -3.56 -5.45
C CYS A 29 -1.83 -3.04 -6.76
N PRO A 30 -2.90 -3.69 -7.27
CA PRO A 30 -3.54 -3.30 -8.53
C PRO A 30 -4.45 -2.08 -8.35
N PHE A 31 -3.89 -1.02 -7.79
CA PHE A 31 -4.64 0.21 -7.55
C PHE A 31 -5.07 0.87 -8.85
N THR A 32 -5.95 1.86 -8.73
CA THR A 32 -6.44 2.61 -9.88
C THR A 32 -6.54 4.08 -9.55
N GLN A 33 -5.81 4.47 -8.51
CA GLN A 33 -5.76 5.84 -8.04
C GLN A 33 -4.79 5.98 -6.87
N ALA A 34 -5.14 5.36 -5.75
CA ALA A 34 -4.30 5.39 -4.55
C ALA A 34 -4.90 4.54 -3.44
N VAL A 35 -4.27 3.40 -3.16
CA VAL A 35 -4.75 2.50 -2.11
C VAL A 35 -3.65 2.22 -1.08
N CYS A 36 -2.42 2.08 -1.56
CA CYS A 36 -1.29 1.81 -0.68
C CYS A 36 -1.22 2.85 0.42
N CYS A 37 -1.50 4.11 0.07
CA CYS A 37 -1.48 5.21 1.02
C CYS A 37 -0.11 5.38 1.66
N GLU A 38 0.45 6.58 1.52
CA GLU A 38 1.77 6.89 2.08
C GLU A 38 1.78 6.78 3.60
N ASP A 39 1.90 7.92 4.28
CA ASP A 39 1.94 7.94 5.74
C ASP A 39 2.98 6.98 6.29
N HIS A 40 2.55 5.74 6.56
CA HIS A 40 3.44 4.72 7.07
C HIS A 40 2.76 3.34 7.02
N ILE A 41 1.98 3.12 5.97
CA ILE A 41 1.27 1.86 5.80
C ILE A 41 1.14 1.51 4.32
N HIS A 42 0.43 0.43 4.03
CA HIS A 42 0.23 -0.02 2.67
C HIS A 42 -1.22 -0.46 2.46
N CYS A 43 -1.52 -1.00 1.28
CA CYS A 43 -2.87 -1.46 0.95
C CYS A 43 -3.45 -2.30 2.09
N CYS A 44 -2.57 -2.84 2.94
CA CYS A 44 -2.98 -3.65 4.09
C CYS A 44 -3.59 -4.98 3.64
N PRO A 45 -3.65 -5.97 4.55
CA PRO A 45 -4.20 -7.29 4.26
C PRO A 45 -5.52 -7.22 3.48
N ALA A 46 -5.88 -8.33 2.84
CA ALA A 46 -7.10 -8.40 2.05
C ALA A 46 -8.34 -8.13 2.91
N GLY A 47 -9.40 -7.65 2.27
CA GLY A 47 -10.63 -7.35 2.99
C GLY A 47 -10.65 -5.93 3.51
N PHE A 48 -9.48 -5.31 3.61
CA PHE A 48 -9.38 -3.95 4.12
C PHE A 48 -9.63 -2.94 3.00
N THR A 49 -9.62 -1.66 3.36
CA THR A 49 -9.82 -0.58 2.40
C THR A 49 -9.25 0.72 2.93
N CYS A 50 -8.46 1.39 2.09
CA CYS A 50 -7.85 2.66 2.45
C CYS A 50 -8.83 3.81 2.20
N ASP A 51 -9.30 4.40 3.29
CA ASP A 51 -10.23 5.50 3.21
C ASP A 51 -9.47 6.80 2.97
N THR A 52 -9.84 7.50 1.90
CA THR A 52 -9.19 8.75 1.53
C THR A 52 -9.27 9.76 2.67
N GLN A 53 -10.11 9.48 3.66
CA GLN A 53 -10.26 10.35 4.80
C GLN A 53 -8.92 10.53 5.50
N LYS A 54 -8.10 9.49 5.44
CA LYS A 54 -6.79 9.53 6.07
C LYS A 54 -5.98 8.30 5.69
N GLY A 55 -6.21 7.80 4.48
CA GLY A 55 -5.51 6.62 4.01
C GLY A 55 -5.52 5.52 5.05
N THR A 56 -6.70 5.26 5.61
CA THR A 56 -6.83 4.24 6.65
C THR A 56 -7.42 2.94 6.11
N CYS A 57 -6.68 1.85 6.28
CA CYS A 57 -7.13 0.54 5.81
C CYS A 57 -7.97 -0.16 6.88
N GLU A 58 -9.14 -0.64 6.49
CA GLU A 58 -10.04 -1.33 7.42
C GLU A 58 -10.76 -2.49 6.74
N GLN A 59 -10.75 -3.64 7.41
CA GLN A 59 -11.39 -4.86 6.89
C GLN A 59 -12.88 -4.65 6.66
N LYS A 60 -13.23 -4.00 5.54
CA LYS A 60 -14.62 -3.75 5.18
C LYS A 60 -14.71 -2.91 3.92
N LEU A 61 -14.78 -1.59 4.10
CA LEU A 61 -14.87 -0.67 2.98
C LEU A 61 -14.55 0.76 3.42
N ALA A 62 -14.58 1.69 2.48
CA ALA A 62 -14.30 3.09 2.78
C ALA A 62 -15.55 3.81 3.25
N ALA A 63 -15.96 3.54 4.48
CA ALA A 63 -17.15 4.17 5.06
C ALA A 63 -16.96 5.67 5.19
N ALA A 64 -15.70 6.10 5.29
CA ALA A 64 -15.38 7.51 5.43
C ALA A 64 -15.45 8.23 4.09
N LEU A 65 -14.58 7.82 3.16
CA LEU A 65 -14.54 8.43 1.84
C LEU A 65 -14.39 7.35 0.76
N GLU A 66 -15.45 7.15 -0.02
CA GLU A 66 -15.43 6.16 -1.10
C GLU A 66 -15.93 6.75 -2.40
N HIS A 67 -15.15 6.57 -3.47
CA HIS A 67 -15.53 7.09 -4.77
C HIS A 67 -16.09 5.98 -5.66
N HIS A 68 -15.20 5.18 -6.24
CA HIS A 68 -15.61 4.08 -7.10
C HIS A 68 -14.71 2.87 -6.90
N HIS A 69 -15.25 1.82 -6.28
CA HIS A 69 -14.48 0.60 -6.02
C HIS A 69 -14.24 -0.17 -7.31
N HIS A 70 -15.21 -0.97 -7.73
CA HIS A 70 -15.10 -1.76 -8.94
C HIS A 70 -16.47 -2.07 -9.52
N HIS A 71 -17.32 -2.71 -8.71
CA HIS A 71 -18.67 -3.07 -9.15
C HIS A 71 -18.64 -4.10 -10.26
N HIS A 72 -19.54 -5.09 -10.16
CA HIS A 72 -19.63 -6.15 -11.16
C HIS A 72 -19.89 -5.58 -12.55
N ALA A 1 3.64 -2.47 -23.39
CA ALA A 1 4.43 -1.77 -22.34
C ALA A 1 5.40 -2.73 -21.65
N MET A 2 6.07 -2.25 -20.62
CA MET A 2 7.03 -3.05 -19.86
C MET A 2 6.49 -3.38 -18.48
N ASP A 3 7.37 -3.85 -17.60
CA ASP A 3 6.98 -4.20 -16.24
C ASP A 3 7.66 -3.29 -15.23
N VAL A 4 7.19 -3.34 -13.98
CA VAL A 4 7.75 -2.51 -12.91
C VAL A 4 8.12 -3.37 -11.70
N LYS A 5 9.31 -3.13 -11.16
CA LYS A 5 9.79 -3.86 -9.99
C LYS A 5 10.12 -2.90 -8.85
N CYS A 6 10.92 -3.36 -7.90
CA CYS A 6 11.32 -2.52 -6.77
C CYS A 6 12.66 -2.98 -6.18
N ASP A 7 12.68 -4.18 -5.62
CA ASP A 7 13.89 -4.72 -5.01
C ASP A 7 14.39 -5.92 -5.80
N MET A 8 14.13 -5.93 -7.10
CA MET A 8 14.56 -7.04 -7.97
C MET A 8 14.05 -8.36 -7.43
N GLU A 9 12.86 -8.34 -6.85
CA GLU A 9 12.24 -9.55 -6.30
C GLU A 9 10.77 -9.62 -6.67
N VAL A 10 10.07 -8.51 -6.49
CA VAL A 10 8.64 -8.44 -6.82
C VAL A 10 8.45 -7.99 -8.27
N SER A 11 7.30 -8.34 -8.84
CA SER A 11 7.00 -7.99 -10.23
C SER A 11 5.64 -7.33 -10.35
N CYS A 12 5.60 -6.02 -10.18
CA CYS A 12 4.37 -5.26 -10.29
C CYS A 12 4.24 -4.70 -11.71
N PRO A 13 3.44 -5.34 -12.56
CA PRO A 13 3.26 -4.92 -13.95
C PRO A 13 2.31 -3.73 -14.10
N ASP A 14 1.70 -3.62 -15.27
CA ASP A 14 0.77 -2.53 -15.56
C ASP A 14 -0.33 -2.42 -14.52
N GLY A 15 -0.46 -1.24 -13.91
CA GLY A 15 -1.48 -1.03 -12.91
C GLY A 15 -1.02 -1.36 -11.50
N TYR A 16 0.03 -2.18 -11.40
CA TYR A 16 0.54 -2.58 -10.09
C TYR A 16 1.67 -1.66 -9.62
N THR A 17 1.79 -1.54 -8.30
CA THR A 17 2.84 -0.73 -7.70
C THR A 17 3.57 -1.51 -6.62
N CYS A 18 4.79 -1.08 -6.29
CA CYS A 18 5.58 -1.78 -5.28
C CYS A 18 5.61 -1.00 -3.96
N CYS A 19 5.02 -1.59 -2.93
CA CYS A 19 4.97 -0.97 -1.61
C CYS A 19 5.40 -1.97 -0.54
N ARG A 20 6.35 -1.58 0.28
CA ARG A 20 6.86 -2.45 1.34
C ARG A 20 5.72 -2.97 2.23
N LEU A 21 5.85 -4.21 2.67
CA LEU A 21 4.84 -4.83 3.52
C LEU A 21 5.42 -5.15 4.89
N GLN A 22 6.64 -4.69 5.13
CA GLN A 22 7.35 -4.93 6.39
C GLN A 22 7.75 -6.38 6.55
N SER A 23 7.14 -7.26 5.76
CA SER A 23 7.46 -8.68 5.82
C SER A 23 8.82 -8.93 5.17
N GLY A 24 9.66 -7.90 5.19
CA GLY A 24 10.98 -8.00 4.61
C GLY A 24 10.92 -8.07 3.09
N ALA A 25 9.74 -7.81 2.53
CA ALA A 25 9.56 -7.83 1.08
C ALA A 25 8.62 -6.73 0.63
N TRP A 26 8.39 -6.65 -0.69
CA TRP A 26 7.51 -5.64 -1.25
C TRP A 26 6.20 -6.27 -1.73
N GLY A 27 5.21 -5.41 -1.98
CA GLY A 27 3.92 -5.90 -2.43
C GLY A 27 3.46 -5.22 -3.71
N CYS A 28 2.60 -5.90 -4.47
CA CYS A 28 2.09 -5.35 -5.72
C CYS A 28 0.64 -4.90 -5.58
N CYS A 29 0.40 -3.61 -5.80
CA CYS A 29 -0.93 -3.04 -5.70
C CYS A 29 -1.43 -2.62 -7.07
N PRO A 30 -2.46 -3.32 -7.61
CA PRO A 30 -3.03 -3.03 -8.92
C PRO A 30 -4.09 -1.94 -8.87
N PHE A 31 -3.68 -0.74 -8.47
CA PHE A 31 -4.60 0.39 -8.35
C PHE A 31 -4.24 1.50 -9.33
N THR A 32 -4.75 2.70 -9.07
CA THR A 32 -4.48 3.84 -9.94
C THR A 32 -3.84 5.00 -9.17
N GLN A 33 -2.71 4.71 -8.53
CA GLN A 33 -1.97 5.71 -7.76
C GLN A 33 -2.77 6.17 -6.54
N ALA A 34 -2.16 6.07 -5.36
CA ALA A 34 -2.80 6.49 -4.12
C ALA A 34 -1.80 6.47 -2.96
N VAL A 35 -2.28 6.23 -1.74
CA VAL A 35 -1.42 6.20 -0.56
C VAL A 35 -1.41 4.82 0.08
N CYS A 36 -0.23 4.36 0.50
CA CYS A 36 -0.10 3.05 1.14
C CYS A 36 -0.70 3.05 2.55
N CYS A 37 -1.50 4.06 2.86
CA CYS A 37 -2.13 4.17 4.17
C CYS A 37 -3.25 3.14 4.32
N GLU A 38 -3.66 2.90 5.56
CA GLU A 38 -4.73 1.94 5.85
C GLU A 38 -4.37 0.55 5.31
N ASP A 39 -5.35 -0.35 5.32
CA ASP A 39 -5.14 -1.71 4.83
C ASP A 39 -6.41 -2.25 4.17
N HIS A 40 -6.47 -2.13 2.85
CA HIS A 40 -7.62 -2.60 2.09
C HIS A 40 -7.26 -2.81 0.62
N ILE A 41 -6.61 -1.82 0.03
CA ILE A 41 -6.21 -1.88 -1.38
C ILE A 41 -5.25 -0.75 -1.73
N HIS A 42 -5.37 0.36 -1.02
CA HIS A 42 -4.52 1.53 -1.26
C HIS A 42 -3.04 1.16 -1.20
N CYS A 43 -2.19 2.00 -1.76
CA CYS A 43 -0.74 1.76 -1.78
C CYS A 43 0.02 3.02 -2.18
N CYS A 44 1.35 2.96 -2.06
CA CYS A 44 2.19 4.11 -2.42
C CYS A 44 3.44 3.63 -3.17
N PRO A 45 3.80 4.31 -4.27
CA PRO A 45 4.97 3.95 -5.07
C PRO A 45 6.27 4.25 -4.33
N ALA A 46 7.37 3.65 -4.78
CA ALA A 46 8.67 3.84 -4.16
C ALA A 46 8.62 3.50 -2.67
N GLY A 47 9.69 3.82 -1.96
CA GLY A 47 9.74 3.54 -0.53
C GLY A 47 9.02 4.62 0.27
N PHE A 48 7.78 4.90 -0.13
CA PHE A 48 6.98 5.92 0.52
C PHE A 48 6.14 5.34 1.65
N THR A 49 6.08 6.06 2.76
CA THR A 49 5.30 5.65 3.91
C THR A 49 4.44 6.81 4.39
N CYS A 50 3.45 6.53 5.24
CA CYS A 50 2.58 7.57 5.75
C CYS A 50 3.21 8.29 6.94
N ASP A 51 3.19 9.62 6.89
CA ASP A 51 3.78 10.42 7.96
C ASP A 51 2.73 11.34 8.58
N THR A 52 3.12 12.01 9.66
CA THR A 52 2.23 12.93 10.37
C THR A 52 1.01 12.20 10.91
N GLN A 53 1.08 10.86 10.93
CA GLN A 53 -0.01 10.04 11.42
C GLN A 53 -1.29 10.26 10.62
N LYS A 54 -1.17 11.02 9.53
CA LYS A 54 -2.32 11.32 8.68
C LYS A 54 -2.26 10.51 7.39
N GLY A 55 -1.29 10.83 6.54
CA GLY A 55 -1.13 10.12 5.29
C GLY A 55 -0.12 10.77 4.37
N THR A 56 0.97 11.26 4.95
CA THR A 56 2.02 11.90 4.17
C THR A 56 2.99 10.85 3.63
N CYS A 57 2.87 10.56 2.33
CA CYS A 57 3.73 9.56 1.70
C CYS A 57 5.07 10.17 1.28
N GLU A 58 6.14 9.70 1.91
CA GLU A 58 7.48 10.18 1.60
C GLU A 58 8.52 9.10 1.87
N GLN A 59 9.75 9.35 1.43
CA GLN A 59 10.84 8.39 1.60
C GLN A 59 11.04 8.04 3.08
N LYS A 60 10.48 6.90 3.48
CA LYS A 60 10.60 6.42 4.86
C LYS A 60 10.11 7.47 5.86
N LEU A 61 10.54 7.33 7.11
CA LEU A 61 10.16 8.25 8.18
C LEU A 61 8.67 8.16 8.50
N ALA A 62 8.33 8.37 9.77
CA ALA A 62 6.95 8.32 10.22
C ALA A 62 6.75 9.19 11.46
N ALA A 63 7.52 8.89 12.50
CA ALA A 63 7.45 9.66 13.76
C ALA A 63 6.07 9.55 14.40
N ALA A 64 5.15 10.42 13.99
CA ALA A 64 3.81 10.43 14.54
C ALA A 64 3.18 9.05 14.52
N LEU A 65 3.28 8.37 13.39
CA LEU A 65 2.72 7.03 13.24
C LEU A 65 3.41 6.05 14.18
N GLU A 66 2.62 5.14 14.76
CA GLU A 66 3.15 4.14 15.69
C GLU A 66 3.07 2.74 15.09
N HIS A 67 3.27 1.73 15.92
CA HIS A 67 3.23 0.35 15.48
C HIS A 67 1.80 -0.19 15.54
N HIS A 68 1.35 -0.56 16.73
CA HIS A 68 0.00 -1.09 16.92
C HIS A 68 -0.69 -0.41 18.10
N HIS A 69 -0.04 -0.48 19.27
CA HIS A 69 -0.59 0.13 20.47
C HIS A 69 0.50 0.85 21.26
N HIS A 70 0.46 2.17 21.24
CA HIS A 70 1.45 2.98 21.95
C HIS A 70 1.16 3.02 23.45
N HIS A 71 0.57 4.12 23.92
CA HIS A 71 0.24 4.27 25.33
C HIS A 71 -1.20 4.73 25.51
N HIS A 72 -1.57 5.81 24.81
CA HIS A 72 -2.92 6.34 24.90
C HIS A 72 -3.20 7.28 23.72
N ALA A 1 9.74 -6.73 -21.61
CA ALA A 1 8.89 -6.69 -20.39
C ALA A 1 9.24 -5.49 -19.52
N MET A 2 8.81 -4.30 -19.93
CA MET A 2 9.08 -3.09 -19.18
C MET A 2 7.95 -2.78 -18.21
N ASP A 3 8.14 -3.17 -16.94
CA ASP A 3 7.13 -2.95 -15.92
C ASP A 3 7.78 -2.38 -14.65
N VAL A 4 6.95 -2.01 -13.68
CA VAL A 4 7.45 -1.45 -12.42
C VAL A 4 8.02 -2.56 -11.53
N LYS A 5 9.32 -2.79 -11.67
CA LYS A 5 10.01 -3.82 -10.90
C LYS A 5 10.64 -3.24 -9.63
N CYS A 6 10.34 -3.87 -8.50
CA CYS A 6 10.90 -3.44 -7.22
C CYS A 6 11.74 -4.55 -6.62
N ASP A 7 13.02 -4.26 -6.39
CA ASP A 7 13.95 -5.25 -5.83
C ASP A 7 14.08 -6.44 -6.77
N MET A 8 14.53 -7.57 -6.24
CA MET A 8 14.70 -8.78 -7.04
C MET A 8 13.82 -9.91 -6.52
N GLU A 9 12.56 -9.60 -6.21
CA GLU A 9 11.62 -10.59 -5.71
C GLU A 9 10.18 -10.12 -5.85
N VAL A 10 9.95 -9.19 -6.77
CA VAL A 10 8.61 -8.66 -7.01
C VAL A 10 8.43 -8.26 -8.47
N SER A 11 7.17 -8.17 -8.90
CA SER A 11 6.86 -7.81 -10.28
C SER A 11 5.50 -7.11 -10.36
N CYS A 12 5.51 -5.79 -10.25
CA CYS A 12 4.28 -5.00 -10.31
C CYS A 12 4.19 -4.29 -11.65
N PRO A 13 3.50 -4.90 -12.64
CA PRO A 13 3.34 -4.32 -13.97
C PRO A 13 2.27 -3.23 -14.02
N ASP A 14 1.84 -2.90 -15.23
CA ASP A 14 0.83 -1.86 -15.44
C ASP A 14 -0.41 -2.11 -14.59
N GLY A 15 -0.85 -1.08 -13.88
CA GLY A 15 -2.02 -1.20 -13.03
C GLY A 15 -1.68 -1.66 -11.63
N TYR A 16 -0.40 -1.89 -11.37
CA TYR A 16 0.04 -2.34 -10.05
C TYR A 16 0.92 -1.30 -9.36
N THR A 17 0.95 -1.35 -8.04
CA THR A 17 1.76 -0.44 -7.25
C THR A 17 2.74 -1.22 -6.39
N CYS A 18 3.92 -0.66 -6.17
CA CYS A 18 4.95 -1.32 -5.38
C CYS A 18 5.07 -0.71 -3.98
N CYS A 19 4.68 -1.49 -2.97
CA CYS A 19 4.75 -1.04 -1.59
C CYS A 19 5.30 -2.15 -0.69
N ARG A 20 6.17 -1.77 0.24
CA ARG A 20 6.75 -2.73 1.17
C ARG A 20 5.66 -3.37 2.03
N LEU A 21 5.91 -4.59 2.50
CA LEU A 21 4.93 -5.30 3.32
C LEU A 21 5.39 -5.32 4.78
N GLN A 22 5.99 -6.43 5.20
CA GLN A 22 6.48 -6.57 6.56
C GLN A 22 7.94 -6.17 6.64
N SER A 23 8.33 -5.20 5.80
CA SER A 23 9.71 -4.73 5.75
C SER A 23 10.66 -5.85 5.35
N GLY A 24 10.08 -6.97 4.91
CA GLY A 24 10.87 -8.11 4.51
C GLY A 24 10.87 -8.30 3.00
N ALA A 25 9.93 -7.63 2.35
CA ALA A 25 9.80 -7.73 0.89
C ALA A 25 8.82 -6.68 0.37
N TRP A 26 8.64 -6.66 -0.95
CA TRP A 26 7.73 -5.71 -1.56
C TRP A 26 6.43 -6.38 -1.98
N GLY A 27 5.42 -5.57 -2.30
CA GLY A 27 4.14 -6.11 -2.70
C GLY A 27 3.51 -5.34 -3.85
N CYS A 28 2.82 -6.07 -4.73
CA CYS A 28 2.16 -5.46 -5.87
C CYS A 28 0.66 -5.40 -5.66
N CYS A 29 0.11 -4.19 -5.71
CA CYS A 29 -1.32 -3.99 -5.50
C CYS A 29 -1.96 -3.28 -6.69
N PRO A 30 -3.03 -3.87 -7.26
CA PRO A 30 -3.74 -3.28 -8.40
C PRO A 30 -4.67 -2.16 -7.97
N PHE A 31 -4.13 -1.21 -7.23
CA PHE A 31 -4.91 -0.08 -6.73
C PHE A 31 -5.42 0.79 -7.88
N THR A 32 -6.27 1.75 -7.55
CA THR A 32 -6.84 2.67 -8.52
C THR A 32 -6.90 4.08 -7.93
N GLN A 33 -5.72 4.62 -7.61
CA GLN A 33 -5.63 5.95 -7.03
C GLN A 33 -6.36 6.00 -5.69
N ALA A 34 -6.09 5.02 -4.83
CA ALA A 34 -6.73 4.94 -3.53
C ALA A 34 -5.77 4.46 -2.45
N VAL A 35 -5.53 3.15 -2.41
CA VAL A 35 -4.64 2.56 -1.42
C VAL A 35 -3.36 2.01 -2.06
N CYS A 36 -2.58 1.30 -1.25
CA CYS A 36 -1.32 0.70 -1.70
C CYS A 36 -0.78 -0.24 -0.62
N CYS A 37 -1.18 0.01 0.62
CA CYS A 37 -0.74 -0.80 1.75
C CYS A 37 -1.53 -2.10 1.80
N GLU A 38 -0.82 -3.22 1.69
CA GLU A 38 -1.45 -4.54 1.72
C GLU A 38 -1.64 -5.03 3.15
N ASP A 39 -2.80 -5.61 3.42
CA ASP A 39 -3.12 -6.13 4.74
C ASP A 39 -2.97 -7.64 4.77
N HIS A 40 -3.58 -8.31 3.80
CA HIS A 40 -3.52 -9.76 3.70
C HIS A 40 -3.26 -10.21 2.27
N ILE A 41 -4.18 -9.89 1.37
CA ILE A 41 -4.04 -10.26 -0.03
C ILE A 41 -4.43 -9.11 -0.95
N HIS A 42 -5.03 -8.07 -0.37
CA HIS A 42 -5.46 -6.91 -1.15
C HIS A 42 -5.34 -5.62 -0.34
N CYS A 43 -5.44 -4.49 -1.02
CA CYS A 43 -5.36 -3.19 -0.36
C CYS A 43 -6.68 -2.82 0.31
N CYS A 44 -7.01 -3.51 1.39
CA CYS A 44 -8.25 -3.27 2.11
C CYS A 44 -9.46 -3.47 1.21
N PRO A 45 -10.15 -4.63 1.33
CA PRO A 45 -11.32 -4.94 0.51
C PRO A 45 -12.57 -4.20 0.98
N ALA A 46 -12.48 -2.88 1.06
CA ALA A 46 -13.59 -2.04 1.50
C ALA A 46 -13.97 -2.31 2.95
N GLY A 47 -14.43 -1.28 3.64
CA GLY A 47 -14.81 -1.42 5.04
C GLY A 47 -13.67 -1.15 5.98
N PHE A 48 -12.44 -1.26 5.48
CA PHE A 48 -11.26 -1.05 6.28
C PHE A 48 -10.33 -0.03 5.65
N THR A 49 -9.41 0.51 6.45
CA THR A 49 -8.46 1.50 5.97
C THR A 49 -7.07 1.23 6.52
N CYS A 50 -6.07 1.93 5.99
CA CYS A 50 -4.69 1.77 6.42
C CYS A 50 -4.40 2.61 7.66
N ASP A 51 -4.08 1.94 8.76
CA ASP A 51 -3.82 2.60 10.02
C ASP A 51 -3.48 1.60 11.12
N THR A 52 -3.37 2.10 12.35
CA THR A 52 -3.07 1.31 13.56
C THR A 52 -1.61 1.46 13.97
N GLN A 53 -0.72 1.58 12.98
CA GLN A 53 0.71 1.73 13.27
C GLN A 53 1.54 1.89 12.01
N LYS A 54 0.91 1.82 10.84
CA LYS A 54 1.64 1.96 9.58
C LYS A 54 0.70 2.10 8.41
N GLY A 55 -0.33 1.27 8.39
CA GLY A 55 -1.29 1.30 7.31
C GLY A 55 -1.96 -0.04 7.11
N THR A 56 -2.38 -0.66 8.21
CA THR A 56 -3.05 -1.95 8.15
C THR A 56 -4.53 -1.75 7.89
N CYS A 57 -5.11 -2.60 7.03
CA CYS A 57 -6.52 -2.49 6.70
C CYS A 57 -7.39 -3.17 7.74
N GLU A 58 -8.03 -2.36 8.58
CA GLU A 58 -8.91 -2.89 9.63
C GLU A 58 -10.23 -2.12 9.69
N GLN A 59 -11.21 -2.72 10.35
CA GLN A 59 -12.53 -2.10 10.48
C GLN A 59 -12.52 -1.04 11.56
N LYS A 60 -11.56 -0.13 11.49
CA LYS A 60 -11.44 0.94 12.46
C LYS A 60 -10.29 1.88 12.10
N LEU A 61 -10.20 2.99 12.84
CA LEU A 61 -9.14 3.99 12.61
C LEU A 61 -9.23 4.59 11.21
N ALA A 62 -8.43 5.63 10.98
CA ALA A 62 -8.40 6.31 9.69
C ALA A 62 -7.20 7.26 9.61
N ALA A 63 -6.54 7.25 8.45
CA ALA A 63 -5.37 8.10 8.23
C ALA A 63 -4.21 7.70 9.15
N ALA A 64 -3.00 7.73 8.61
CA ALA A 64 -1.81 7.38 9.37
C ALA A 64 -1.60 8.33 10.55
N LEU A 65 -2.10 7.94 11.73
CA LEU A 65 -1.96 8.75 12.93
C LEU A 65 -2.34 10.20 12.68
N GLU A 66 -3.63 10.45 12.51
CA GLU A 66 -4.13 11.80 12.27
C GLU A 66 -4.98 12.30 13.42
N HIS A 67 -4.34 12.56 14.56
CA HIS A 67 -5.03 13.04 15.75
C HIS A 67 -6.21 12.14 16.09
N HIS A 68 -7.28 12.73 16.62
CA HIS A 68 -8.47 11.97 16.99
C HIS A 68 -9.73 12.83 16.86
N HIS A 69 -9.63 14.07 17.30
CA HIS A 69 -10.75 15.00 17.25
C HIS A 69 -10.30 16.37 16.75
N HIS A 70 -11.18 17.36 16.91
CA HIS A 70 -10.88 18.73 16.49
C HIS A 70 -10.58 18.79 14.99
N HIS A 71 -10.15 19.95 14.53
CA HIS A 71 -9.82 20.15 13.12
C HIS A 71 -11.01 19.81 12.23
N HIS A 72 -10.74 19.63 10.93
CA HIS A 72 -11.79 19.29 9.97
C HIS A 72 -11.24 18.43 8.85
N ALA A 1 8.22 -5.81 -21.84
CA ALA A 1 8.29 -4.39 -22.29
C ALA A 1 7.96 -3.44 -21.14
N MET A 2 6.70 -3.43 -20.74
CA MET A 2 6.26 -2.55 -19.65
C MET A 2 6.07 -3.35 -18.36
N ASP A 3 6.99 -3.15 -17.42
CA ASP A 3 6.94 -3.85 -16.14
C ASP A 3 7.76 -3.12 -15.08
N VAL A 4 7.12 -2.74 -13.98
CA VAL A 4 7.80 -2.04 -12.90
C VAL A 4 8.41 -3.02 -11.90
N LYS A 5 9.59 -2.67 -11.40
CA LYS A 5 10.29 -3.51 -10.43
C LYS A 5 10.87 -2.68 -9.29
N CYS A 6 10.46 -3.00 -8.07
CA CYS A 6 10.93 -2.28 -6.89
C CYS A 6 12.11 -2.99 -6.23
N ASP A 7 12.24 -4.29 -6.49
CA ASP A 7 13.33 -5.08 -5.93
C ASP A 7 13.64 -6.30 -6.80
N MET A 8 14.65 -7.06 -6.39
CA MET A 8 15.05 -8.25 -7.13
C MET A 8 14.24 -9.47 -6.69
N GLU A 9 12.94 -9.27 -6.48
CA GLU A 9 12.06 -10.35 -6.06
C GLU A 9 10.60 -10.00 -6.35
N VAL A 10 10.32 -8.71 -6.48
CA VAL A 10 8.96 -8.24 -6.76
C VAL A 10 8.75 -8.00 -8.25
N SER A 11 7.50 -8.05 -8.68
CA SER A 11 7.18 -7.84 -10.09
C SER A 11 5.80 -7.19 -10.23
N CYS A 12 5.77 -5.87 -10.17
CA CYS A 12 4.52 -5.12 -10.30
C CYS A 12 4.40 -4.55 -11.71
N PRO A 13 3.66 -5.24 -12.60
CA PRO A 13 3.49 -4.80 -13.98
C PRO A 13 2.47 -3.69 -14.13
N ASP A 14 2.03 -3.46 -15.36
CA ASP A 14 1.06 -2.41 -15.67
C ASP A 14 -0.15 -2.47 -14.75
N GLY A 15 -0.43 -1.36 -14.08
CA GLY A 15 -1.57 -1.29 -13.18
C GLY A 15 -1.25 -1.69 -11.76
N TYR A 16 0.02 -1.96 -11.49
CA TYR A 16 0.43 -2.37 -10.14
C TYR A 16 1.45 -1.40 -9.55
N THR A 17 1.52 -1.38 -8.22
CA THR A 17 2.46 -0.52 -7.51
C THR A 17 3.23 -1.33 -6.48
N CYS A 18 4.43 -0.89 -6.14
CA CYS A 18 5.26 -1.60 -5.17
C CYS A 18 5.26 -0.90 -3.82
N CYS A 19 4.87 -1.63 -2.77
CA CYS A 19 4.83 -1.07 -1.43
C CYS A 19 5.28 -2.11 -0.41
N ARG A 20 6.17 -1.69 0.50
CA ARG A 20 6.67 -2.58 1.54
C ARG A 20 5.54 -3.06 2.44
N LEU A 21 5.74 -4.21 3.06
CA LEU A 21 4.74 -4.79 3.95
C LEU A 21 5.33 -5.02 5.34
N GLN A 22 5.76 -6.25 5.60
CA GLN A 22 6.36 -6.60 6.89
C GLN A 22 7.88 -6.51 6.80
N SER A 23 8.35 -5.64 5.90
CA SER A 23 9.78 -5.45 5.69
C SER A 23 10.43 -6.69 5.12
N GLY A 24 9.63 -7.73 4.90
CA GLY A 24 10.14 -8.97 4.34
C GLY A 24 10.34 -8.86 2.84
N ALA A 25 9.51 -8.05 2.20
CA ALA A 25 9.58 -7.84 0.76
C ALA A 25 8.55 -6.81 0.32
N TRP A 26 8.56 -6.47 -0.97
CA TRP A 26 7.62 -5.50 -1.51
C TRP A 26 6.35 -6.18 -2.00
N GLY A 27 5.29 -5.40 -2.15
CA GLY A 27 4.03 -5.94 -2.60
C GLY A 27 3.48 -5.22 -3.82
N CYS A 28 2.74 -5.94 -4.65
CA CYS A 28 2.16 -5.35 -5.86
C CYS A 28 0.66 -5.14 -5.70
N CYS A 29 0.26 -3.87 -5.69
CA CYS A 29 -1.15 -3.53 -5.56
C CYS A 29 -1.68 -3.08 -6.92
N PRO A 30 -2.79 -3.69 -7.40
CA PRO A 30 -3.37 -3.34 -8.70
C PRO A 30 -4.06 -1.99 -8.72
N PHE A 31 -3.52 -1.06 -7.96
CA PHE A 31 -4.03 0.30 -7.88
C PHE A 31 -5.47 0.36 -7.37
N THR A 32 -5.82 1.51 -6.81
CA THR A 32 -7.16 1.74 -6.28
C THR A 32 -7.29 3.17 -5.78
N GLN A 33 -6.52 4.07 -6.39
CA GLN A 33 -6.52 5.48 -6.01
C GLN A 33 -6.06 5.68 -4.57
N ALA A 34 -5.68 4.58 -3.92
CA ALA A 34 -5.21 4.63 -2.54
C ALA A 34 -4.81 3.24 -2.05
N VAL A 35 -4.28 3.18 -0.83
CA VAL A 35 -3.86 1.93 -0.22
C VAL A 35 -2.68 1.31 -0.96
N CYS A 36 -1.92 0.51 -0.21
CA CYS A 36 -0.76 -0.19 -0.74
C CYS A 36 -0.41 -1.35 0.18
N CYS A 37 -1.28 -1.56 1.17
CA CYS A 37 -1.12 -2.63 2.14
C CYS A 37 -2.06 -3.78 1.84
N GLU A 38 -1.51 -4.88 1.33
CA GLU A 38 -2.32 -6.04 0.99
C GLU A 38 -1.47 -7.26 0.71
N ASP A 39 -1.93 -8.41 1.20
CA ASP A 39 -1.24 -9.68 0.99
C ASP A 39 -2.18 -10.68 0.33
N HIS A 40 -2.40 -10.49 -0.96
CA HIS A 40 -3.30 -11.36 -1.73
C HIS A 40 -4.75 -11.15 -1.28
N ILE A 41 -5.14 -9.89 -1.16
CA ILE A 41 -6.50 -9.54 -0.74
C ILE A 41 -6.91 -8.16 -1.26
N HIS A 42 -6.20 -7.68 -2.28
CA HIS A 42 -6.49 -6.37 -2.88
C HIS A 42 -6.18 -5.23 -1.92
N CYS A 43 -5.93 -4.05 -2.48
CA CYS A 43 -5.62 -2.87 -1.69
C CYS A 43 -6.92 -2.19 -1.24
N CYS A 44 -7.77 -2.97 -0.56
CA CYS A 44 -9.06 -2.48 -0.08
C CYS A 44 -9.85 -1.85 -1.22
N PRO A 45 -10.56 -2.68 -2.02
CA PRO A 45 -11.36 -2.22 -3.16
C PRO A 45 -12.64 -1.51 -2.74
N ALA A 46 -12.49 -0.31 -2.16
CA ALA A 46 -13.63 0.49 -1.72
C ALA A 46 -14.45 -0.20 -0.65
N GLY A 47 -15.04 0.60 0.25
CA GLY A 47 -15.85 0.03 1.32
C GLY A 47 -15.01 -0.39 2.50
N PHE A 48 -13.74 -0.67 2.25
CA PHE A 48 -12.81 -1.10 3.28
C PHE A 48 -11.66 -0.13 3.42
N THR A 49 -10.74 -0.46 4.31
CA THR A 49 -9.56 0.36 4.57
C THR A 49 -8.52 -0.44 5.33
N CYS A 50 -7.28 0.06 5.33
CA CYS A 50 -6.19 -0.61 6.04
C CYS A 50 -6.19 -0.22 7.51
N ASP A 51 -6.48 -1.18 8.38
CA ASP A 51 -6.52 -0.93 9.81
C ASP A 51 -5.66 -1.92 10.58
N THR A 52 -5.73 -1.85 11.91
CA THR A 52 -4.98 -2.75 12.78
C THR A 52 -3.48 -2.52 12.64
N GLN A 53 -3.10 -1.39 12.07
CA GLN A 53 -1.70 -1.04 11.87
C GLN A 53 -0.96 -2.11 11.07
N LYS A 54 -1.72 -3.02 10.49
CA LYS A 54 -1.13 -4.10 9.69
C LYS A 54 -1.52 -3.95 8.23
N GLY A 55 -2.45 -3.05 7.95
CA GLY A 55 -2.89 -2.83 6.59
C GLY A 55 -3.97 -3.80 6.18
N THR A 56 -4.84 -4.15 7.11
CA THR A 56 -5.94 -5.08 6.82
C THR A 56 -7.14 -4.35 6.25
N CYS A 57 -7.49 -4.68 5.01
CA CYS A 57 -8.62 -4.05 4.33
C CYS A 57 -9.93 -4.73 4.73
N GLU A 58 -10.74 -4.02 5.50
CA GLU A 58 -12.02 -4.54 5.94
C GLU A 58 -13.11 -3.49 5.87
N GLN A 59 -14.36 -3.94 5.76
CA GLN A 59 -15.50 -3.03 5.67
C GLN A 59 -15.82 -2.40 7.02
N LYS A 60 -14.76 -2.11 7.77
CA LYS A 60 -14.87 -1.49 9.08
C LYS A 60 -13.53 -1.52 9.80
N LEU A 61 -13.54 -1.18 11.08
CA LEU A 61 -12.31 -1.18 11.88
C LEU A 61 -12.43 -2.16 13.04
N ALA A 62 -11.42 -3.02 13.17
CA ALA A 62 -11.40 -4.01 14.24
C ALA A 62 -10.17 -3.86 15.13
N ALA A 63 -9.03 -3.58 14.49
CA ALA A 63 -7.77 -3.40 15.20
C ALA A 63 -7.33 -4.69 15.89
N ALA A 64 -6.02 -4.78 16.17
CA ALA A 64 -5.45 -5.95 16.83
C ALA A 64 -5.65 -7.22 16.00
N LEU A 65 -5.83 -7.05 14.69
CA LEU A 65 -6.02 -8.19 13.80
C LEU A 65 -4.84 -9.16 13.89
N GLU A 66 -5.10 -10.42 13.57
CA GLU A 66 -4.05 -11.45 13.61
C GLU A 66 -3.02 -11.23 12.51
N HIS A 67 -2.09 -12.17 12.38
CA HIS A 67 -1.05 -12.09 11.36
C HIS A 67 -1.62 -12.39 9.97
N HIS A 68 -0.73 -12.61 9.00
CA HIS A 68 -1.14 -12.90 7.64
C HIS A 68 -1.52 -14.38 7.50
N HIS A 69 -2.33 -14.67 6.48
CA HIS A 69 -2.77 -16.04 6.23
C HIS A 69 -2.22 -16.56 4.91
N HIS A 70 -0.99 -17.05 4.93
CA HIS A 70 -0.35 -17.59 3.74
C HIS A 70 -0.19 -19.10 3.84
N HIS A 71 -1.28 -19.82 3.63
CA HIS A 71 -1.27 -21.28 3.70
C HIS A 71 -0.94 -21.89 2.34
N HIS A 72 -0.32 -21.09 1.47
CA HIS A 72 0.06 -21.54 0.15
C HIS A 72 1.57 -21.66 0.02
#